data_8OWP
#
_entry.id   8OWP
#
_cell.length_a   75.816
_cell.length_b   76.409
_cell.length_c   143.193
_cell.angle_alpha   90.00
_cell.angle_beta   90.00
_cell.angle_gamma   90.00
#
_symmetry.space_group_name_H-M   'P 21 21 21'
#
loop_
_entity.id
_entity.type
_entity.pdbx_description
1 polymer 'Coenzyme A biosynthesis bifunctional protein CoaBC'
2 non-polymer "CYTIDINE-5'-TRIPHOSPHATE"
3 non-polymer 'CALCIUM ION'
4 non-polymer '2-[1-(4-hydroxyphenyl)-5-phenyl-indol-3-yl]-2-oxidanylidene-ethanoic acid'
5 non-polymer 'ACETATE ION'
6 water water
#
_entity_poly.entity_id   1
_entity_poly.type   'polypeptide(L)'
_entity_poly.pdbx_seq_one_letter_code
;MAHHHHHHDMAGVKALVTAGGTREPLDPVRFIGNRSSGKQGYAVARVLAQRGADVTLIAGNTAGLIDPAGVEMVHIGSAT
QLRDAVSKHAPDANVLVMAAAVADFRPAHVAAAKIKKGASEPSSIDLVRNDDVLAGAVRARADGQLPNMRAIVGFAAETG
DANGDVLFHARAKLERKGCDLLVVNAVGENRAFEVDHNDGWLLSADGTESALEHGSKTLMATRIVDSIAAFLKSQDG
;
_entity_poly.pdbx_strand_id   A,B,C,D
#
loop_
_chem_comp.id
_chem_comp.type
_chem_comp.name
_chem_comp.formula
ACT non-polymer 'ACETATE ION' 'C2 H3 O2 -1'
CA non-polymer 'CALCIUM ION' 'Ca 2'
CTP non-polymer CYTIDINE-5'-TRIPHOSPHATE 'C9 H16 N3 O14 P3'
W52 non-polymer '2-[1-(4-hydroxyphenyl)-5-phenyl-indol-3-yl]-2-oxidanylidene-ethanoic acid' 'C22 H15 N O4'
#
# COMPACT_ATOMS: atom_id res chain seq x y z
N HIS A 7 8.45 -39.27 -5.12
CA HIS A 7 8.68 -38.71 -3.78
C HIS A 7 9.10 -37.24 -3.86
N HIS A 8 9.89 -36.89 -4.87
CA HIS A 8 10.27 -35.50 -5.15
C HIS A 8 10.00 -35.14 -6.61
N ASP A 9 8.73 -35.15 -7.00
CA ASP A 9 8.39 -34.90 -8.40
C ASP A 9 8.42 -33.42 -8.77
N MET A 10 8.29 -32.50 -7.83
CA MET A 10 8.39 -31.10 -8.18
C MET A 10 9.79 -30.54 -7.97
N ALA A 11 10.80 -31.39 -7.89
CA ALA A 11 12.16 -30.90 -7.70
C ALA A 11 12.52 -29.98 -8.85
N GLY A 12 13.13 -28.85 -8.51
CA GLY A 12 13.53 -27.91 -9.52
C GLY A 12 12.39 -27.09 -10.10
N VAL A 13 11.18 -27.26 -9.61
CA VAL A 13 10.05 -26.48 -10.08
C VAL A 13 9.90 -25.25 -9.19
N LYS A 14 9.78 -24.08 -9.81
CA LYS A 14 9.55 -22.84 -9.09
C LYS A 14 8.06 -22.58 -9.09
N ALA A 15 7.47 -22.56 -7.91
CA ALA A 15 6.04 -22.41 -7.75
C ALA A 15 5.73 -21.09 -7.05
N LEU A 16 4.73 -20.40 -7.58
CA LEU A 16 4.26 -19.15 -7.00
C LEU A 16 2.82 -19.38 -6.56
N VAL A 17 2.55 -19.17 -5.27
CA VAL A 17 1.26 -19.51 -4.68
C VAL A 17 0.72 -18.27 -3.98
N THR A 18 -0.59 -18.02 -4.13
CA THR A 18 -1.30 -17.00 -3.35
C THR A 18 -2.32 -17.69 -2.46
N ALA A 19 -2.54 -17.16 -1.26
CA ALA A 19 -3.46 -17.79 -0.31
C ALA A 19 -4.06 -16.77 0.64
N GLY A 20 -5.23 -17.11 1.22
CA GLY A 20 -5.88 -16.21 2.14
C GLY A 20 -6.80 -15.25 1.42
N GLY A 21 -7.37 -14.30 2.17
CA GLY A 21 -8.21 -13.26 1.60
C GLY A 21 -7.54 -11.89 1.68
N THR A 22 -7.86 -11.02 0.73
CA THR A 22 -7.32 -9.67 0.79
C THR A 22 -8.22 -8.80 1.66
N ARG A 23 -7.66 -7.67 2.07
CA ARG A 23 -8.34 -6.68 2.89
C ARG A 23 -8.17 -5.32 2.24
N GLU A 24 -9.29 -4.65 1.92
CA GLU A 24 -9.28 -3.39 1.20
C GLU A 24 -9.52 -2.24 2.18
N PRO A 25 -8.51 -1.42 2.49
CA PRO A 25 -8.64 -0.44 3.57
C PRO A 25 -9.57 0.71 3.24
N LEU A 26 -10.34 1.10 4.25
CA LEU A 26 -11.06 2.37 4.25
C LEU A 26 -10.27 3.47 4.92
N ASP A 27 -9.52 3.10 5.94
CA ASP A 27 -8.70 3.97 6.74
C ASP A 27 -7.72 3.01 7.42
N PRO A 28 -6.86 3.46 8.35
CA PRO A 28 -5.88 2.54 8.94
C PRO A 28 -6.45 1.38 9.76
N VAL A 29 -7.72 1.42 10.16
CA VAL A 29 -8.19 0.41 11.10
C VAL A 29 -9.33 -0.41 10.53
N ARG A 30 -10.12 0.16 9.66
CA ARG A 30 -11.21 -0.51 9.02
C ARG A 30 -10.89 -0.96 7.63
N PHE A 31 -11.60 -1.96 7.16
CA PHE A 31 -11.27 -2.57 5.88
C PHE A 31 -12.46 -3.42 5.45
N ILE A 32 -12.45 -3.80 4.17
CA ILE A 32 -13.36 -4.82 3.66
C ILE A 32 -12.60 -6.11 3.46
N GLY A 33 -13.09 -7.19 4.10
CA GLY A 33 -12.46 -8.50 4.01
C GLY A 33 -13.47 -9.57 3.68
N ASN A 34 -12.99 -10.81 3.64
CA ASN A 34 -13.87 -11.97 3.49
C ASN A 34 -13.43 -13.05 4.48
N ARG A 35 -14.15 -14.17 4.47
CA ARG A 35 -13.96 -15.20 5.48
C ARG A 35 -12.95 -16.29 5.07
N SER A 36 -12.16 -16.08 4.01
CA SER A 36 -11.18 -17.07 3.56
C SER A 36 -10.09 -17.33 4.60
N SER A 37 -9.88 -18.61 4.95
CA SER A 37 -8.90 -18.98 5.96
C SER A 37 -7.49 -19.11 5.43
N GLY A 38 -7.32 -19.37 4.13
CA GLY A 38 -6.05 -19.66 3.51
C GLY A 38 -5.51 -21.05 3.72
N LYS A 39 -6.21 -21.90 4.47
CA LYS A 39 -5.68 -23.21 4.87
C LYS A 39 -5.39 -24.11 3.68
N GLN A 40 -6.28 -24.16 2.69
CA GLN A 40 -6.04 -25.01 1.53
C GLN A 40 -4.90 -24.47 0.69
N GLY A 41 -4.77 -23.16 0.59
CA GLY A 41 -3.67 -22.57 -0.15
C GLY A 41 -2.32 -22.85 0.50
N TYR A 42 -2.22 -22.68 1.82
CA TYR A 42 -0.99 -23.04 2.51
C TYR A 42 -0.67 -24.53 2.36
N ALA A 43 -1.69 -25.40 2.42
CA ALA A 43 -1.46 -26.83 2.32
C ALA A 43 -0.86 -27.19 0.96
N VAL A 44 -1.30 -26.52 -0.10
CA VAL A 44 -0.71 -26.74 -1.42
C VAL A 44 0.73 -26.23 -1.46
N ALA A 45 0.99 -25.05 -0.88
CA ALA A 45 2.36 -24.56 -0.79
C ALA A 45 3.24 -25.54 -0.03
N ARG A 46 2.75 -26.04 1.10
CA ARG A 46 3.49 -27.02 1.88
C ARG A 46 3.74 -28.31 1.09
N VAL A 47 2.69 -28.85 0.45
CA VAL A 47 2.84 -30.08 -0.31
C VAL A 47 3.76 -29.86 -1.52
N LEU A 48 3.75 -28.66 -2.10
CA LEU A 48 4.68 -28.40 -3.21
C LEU A 48 6.14 -28.36 -2.74
N ALA A 49 6.43 -27.63 -1.66
CA ALA A 49 7.79 -27.57 -1.16
C ALA A 49 8.30 -28.94 -0.75
N GLN A 50 7.44 -29.76 -0.13
CA GLN A 50 7.89 -31.09 0.29
C GLN A 50 8.24 -31.99 -0.88
N ARG A 51 7.71 -31.72 -2.06
CA ARG A 51 8.05 -32.54 -3.22
C ARG A 51 9.11 -31.87 -4.09
N GLY A 52 9.84 -30.90 -3.52
CA GLY A 52 11.05 -30.38 -4.12
C GLY A 52 10.93 -29.04 -4.78
N ALA A 53 9.75 -28.44 -4.79
CA ALA A 53 9.59 -27.17 -5.47
C ALA A 53 10.20 -26.05 -4.66
N ASP A 54 10.64 -25.01 -5.37
CA ASP A 54 11.10 -23.77 -4.75
C ASP A 54 9.86 -22.90 -4.67
N VAL A 55 9.18 -22.92 -3.52
CA VAL A 55 7.86 -22.34 -3.39
C VAL A 55 7.96 -20.91 -2.85
N THR A 56 7.24 -19.99 -3.48
CA THR A 56 7.04 -18.66 -2.95
C THR A 56 5.56 -18.49 -2.64
N LEU A 57 5.23 -18.10 -1.41
CA LEU A 57 3.86 -18.00 -0.95
C LEU A 57 3.53 -16.55 -0.67
N ILE A 58 2.61 -15.98 -1.44
CA ILE A 58 2.08 -14.65 -1.22
C ILE A 58 0.78 -14.79 -0.44
N ALA A 59 0.78 -14.32 0.81
CA ALA A 59 -0.30 -14.57 1.75
C ALA A 59 -0.94 -13.28 2.22
N GLY A 60 -2.26 -13.18 2.09
CA GLY A 60 -3.00 -12.10 2.71
C GLY A 60 -3.49 -12.50 4.07
N ASN A 61 -4.77 -12.31 4.33
CA ASN A 61 -5.33 -12.62 5.63
C ASN A 61 -5.62 -14.11 5.73
N THR A 62 -5.14 -14.74 6.79
CA THR A 62 -5.39 -16.15 6.98
C THR A 62 -5.90 -16.35 8.40
N ALA A 63 -6.36 -17.56 8.69
CA ALA A 63 -6.92 -17.88 10.00
C ALA A 63 -5.83 -17.98 11.08
N GLY A 64 -4.79 -17.16 10.97
CA GLY A 64 -3.69 -17.21 11.90
C GLY A 64 -2.81 -18.39 11.56
N LEU A 65 -2.40 -18.49 10.30
CA LEU A 65 -1.61 -19.63 9.88
C LEU A 65 -0.11 -19.34 10.00
N ILE A 66 0.64 -20.41 10.18
CA ILE A 66 2.08 -20.36 10.41
C ILE A 66 2.80 -20.41 9.06
N ASP A 67 3.84 -19.60 8.89
CA ASP A 67 4.63 -19.66 7.67
C ASP A 67 5.17 -21.08 7.48
N PRO A 68 4.96 -21.72 6.34
CA PRO A 68 5.58 -23.04 6.14
C PRO A 68 7.09 -22.93 6.00
N ALA A 69 7.78 -23.91 6.55
CA ALA A 69 9.23 -23.92 6.51
C ALA A 69 9.72 -24.19 5.08
N GLY A 70 10.85 -23.61 4.74
CA GLY A 70 11.36 -23.83 3.40
C GLY A 70 10.56 -23.19 2.30
N VAL A 71 9.65 -22.29 2.64
CA VAL A 71 8.79 -21.61 1.69
C VAL A 71 9.09 -20.12 1.81
N GLU A 72 9.37 -19.48 0.69
CA GLU A 72 9.61 -18.05 0.70
C GLU A 72 8.29 -17.30 0.84
N MET A 73 8.17 -16.48 1.89
CA MET A 73 6.94 -15.80 2.25
C MET A 73 6.93 -14.36 1.78
N VAL A 74 5.79 -13.94 1.21
CA VAL A 74 5.51 -12.55 0.89
C VAL A 74 4.14 -12.24 1.48
N HIS A 75 4.07 -11.26 2.38
CA HIS A 75 2.81 -10.89 3.01
C HIS A 75 2.28 -9.63 2.34
N ILE A 76 1.00 -9.67 1.96
CA ILE A 76 0.35 -8.55 1.29
C ILE A 76 -0.93 -8.25 2.04
N GLY A 77 -1.51 -7.10 1.74
CA GLY A 77 -2.76 -6.70 2.36
C GLY A 77 -3.90 -6.66 1.39
N SER A 78 -3.90 -5.67 0.51
CA SER A 78 -5.01 -5.45 -0.38
C SER A 78 -4.82 -6.24 -1.67
N ALA A 79 -5.87 -6.25 -2.50
CA ALA A 79 -5.79 -6.90 -3.80
C ALA A 79 -4.78 -6.25 -4.73
N THR A 80 -4.60 -4.94 -4.63
CA THR A 80 -3.63 -4.27 -5.49
C THR A 80 -2.21 -4.65 -5.12
N GLN A 81 -1.93 -4.81 -3.83
CA GLN A 81 -0.63 -5.28 -3.38
C GLN A 81 -0.37 -6.72 -3.79
N LEU A 82 -1.41 -7.55 -3.80
CA LEU A 82 -1.28 -8.92 -4.29
C LEU A 82 -0.94 -8.93 -5.78
N ARG A 83 -1.62 -8.10 -6.56
CA ARG A 83 -1.30 -8.02 -7.98
C ARG A 83 0.15 -7.63 -8.19
N ASP A 84 0.60 -6.58 -7.50
CA ASP A 84 1.98 -6.12 -7.66
C ASP A 84 2.96 -7.22 -7.28
N ALA A 85 2.65 -7.95 -6.20
CA ALA A 85 3.54 -9.01 -5.75
C ALA A 85 3.58 -10.15 -6.77
N VAL A 86 2.46 -10.45 -7.40
CA VAL A 86 2.42 -11.50 -8.42
C VAL A 86 3.15 -11.06 -9.70
N SER A 87 2.91 -9.82 -10.16
CA SER A 87 3.63 -9.30 -11.33
C SER A 87 5.15 -9.35 -11.13
N LYS A 88 5.59 -9.11 -9.90
CA LYS A 88 7.02 -9.08 -9.59
C LYS A 88 7.64 -10.48 -9.65
N HIS A 89 6.92 -11.50 -9.18
CA HIS A 89 7.49 -12.84 -9.05
C HIS A 89 7.14 -13.80 -10.18
N ALA A 90 6.19 -13.46 -11.03
CA ALA A 90 5.70 -14.39 -12.05
C ALA A 90 6.69 -14.73 -13.15
N PRO A 91 7.51 -13.78 -13.63
CA PRO A 91 8.49 -14.17 -14.65
C PRO A 91 9.36 -15.33 -14.22
N ASP A 92 9.57 -15.49 -12.93
CA ASP A 92 10.43 -16.56 -12.45
C ASP A 92 9.69 -17.87 -12.15
N ALA A 93 8.36 -17.84 -12.07
CA ALA A 93 7.60 -19.01 -11.66
C ALA A 93 7.27 -19.89 -12.86
N ASN A 94 7.33 -21.19 -12.65
CA ASN A 94 6.83 -22.18 -13.59
C ASN A 94 5.40 -22.59 -13.33
N VAL A 95 4.93 -22.42 -12.09
CA VAL A 95 3.59 -22.80 -11.70
C VAL A 95 3.02 -21.65 -10.91
N LEU A 96 1.79 -21.27 -11.25
CA LEU A 96 1.05 -20.24 -10.53
C LEU A 96 -0.23 -20.87 -10.00
N VAL A 97 -0.44 -20.75 -8.69
CA VAL A 97 -1.61 -21.29 -8.01
C VAL A 97 -2.29 -20.09 -7.37
N MET A 98 -3.41 -19.67 -7.93
CA MET A 98 -4.14 -18.51 -7.43
C MET A 98 -5.24 -19.02 -6.50
N ALA A 99 -4.86 -19.34 -5.27
CA ALA A 99 -5.84 -19.80 -4.30
C ALA A 99 -6.40 -18.67 -3.46
N ALA A 100 -5.89 -17.46 -3.63
CA ALA A 100 -6.36 -16.33 -2.84
C ALA A 100 -7.74 -15.88 -3.29
N ALA A 101 -8.56 -15.45 -2.33
CA ALA A 101 -9.83 -14.77 -2.59
C ALA A 101 -9.51 -13.29 -2.79
N VAL A 102 -9.25 -12.92 -4.02
CA VAL A 102 -8.86 -11.55 -4.34
C VAL A 102 -10.12 -10.69 -4.36
N ALA A 103 -10.10 -9.60 -3.60
CA ALA A 103 -11.25 -8.71 -3.57
C ALA A 103 -11.50 -8.10 -4.94
N ASP A 104 -12.75 -8.16 -5.41
CA ASP A 104 -13.08 -7.57 -6.72
C ASP A 104 -13.23 -6.05 -6.68
N PHE A 105 -13.46 -5.46 -5.50
CA PHE A 105 -13.61 -4.02 -5.38
C PHE A 105 -12.83 -3.52 -4.18
N ARG A 106 -12.50 -2.24 -4.23
CA ARG A 106 -11.81 -1.54 -3.16
C ARG A 106 -12.45 -0.14 -3.00
N PRO A 107 -12.32 0.43 -1.79
CA PRO A 107 -12.86 1.79 -1.56
C PRO A 107 -12.25 2.87 -2.46
N ALA A 108 -13.10 3.78 -2.96
CA ALA A 108 -12.65 4.87 -3.80
C ALA A 108 -11.74 5.85 -3.06
N HIS A 109 -11.89 6.01 -1.75
CA HIS A 109 -11.01 6.88 -0.95
C HIS A 109 -10.54 6.16 0.30
N VAL A 110 -9.28 6.38 0.65
CA VAL A 110 -8.70 5.84 1.86
C VAL A 110 -8.24 7.01 2.73
N ALA A 111 -8.76 7.07 3.96
CA ALA A 111 -8.28 8.06 4.90
C ALA A 111 -6.94 7.64 5.48
N ALA A 112 -6.00 8.58 5.57
CA ALA A 112 -4.74 8.28 6.24
C ALA A 112 -4.90 8.27 7.74
N ALA A 113 -5.99 8.80 8.25
CA ALA A 113 -6.33 8.74 9.67
C ALA A 113 -7.74 8.18 9.81
N LYS A 114 -8.11 7.78 11.03
CA LYS A 114 -9.40 7.15 11.25
C LYS A 114 -10.54 8.16 11.14
N ILE A 115 -11.75 7.62 11.04
CA ILE A 115 -12.93 8.41 10.72
C ILE A 115 -13.87 8.38 11.91
N LYS A 116 -13.93 9.49 12.64
CA LYS A 116 -14.80 9.58 13.80
C LYS A 116 -16.26 9.42 13.37
N GLU A 121 -26.40 9.78 8.81
CA GLU A 121 -25.22 10.56 8.60
C GLU A 121 -24.18 10.01 7.63
N PRO A 122 -23.77 8.74 7.81
CA PRO A 122 -22.65 8.29 7.00
C PRO A 122 -22.78 8.13 5.56
N SER A 123 -21.76 8.65 4.92
CA SER A 123 -21.71 8.53 3.53
C SER A 123 -21.55 7.08 3.19
N SER A 124 -22.15 6.68 2.09
CA SER A 124 -21.98 5.35 1.62
C SER A 124 -20.54 5.14 1.18
N ILE A 125 -20.13 3.90 1.05
CA ILE A 125 -18.81 3.64 0.53
C ILE A 125 -18.75 3.46 -0.99
N ASP A 126 -18.25 4.47 -1.73
CA ASP A 126 -18.01 4.26 -3.15
C ASP A 126 -16.87 3.25 -3.38
N LEU A 127 -16.99 2.46 -4.44
CA LEU A 127 -16.09 1.36 -4.77
C LEU A 127 -15.52 1.50 -6.17
N VAL A 128 -14.30 0.98 -6.36
CA VAL A 128 -13.67 0.87 -7.68
C VAL A 128 -13.20 -0.57 -7.84
N ARG A 129 -13.31 -1.09 -9.06
CA ARG A 129 -13.00 -2.48 -9.31
C ARG A 129 -11.50 -2.74 -9.22
N ASN A 130 -11.16 -3.88 -8.63
CA ASN A 130 -9.81 -4.39 -8.67
C ASN A 130 -9.57 -5.21 -9.95
N ASP A 131 -8.31 -5.28 -10.37
CA ASP A 131 -7.94 -6.09 -11.54
C ASP A 131 -8.08 -7.57 -11.24
N ASP A 132 -8.39 -8.35 -12.28
CA ASP A 132 -8.42 -9.80 -12.20
C ASP A 132 -6.98 -10.26 -12.39
N VAL A 133 -6.34 -10.61 -11.28
CA VAL A 133 -4.92 -10.98 -11.31
C VAL A 133 -4.72 -12.30 -12.04
N LEU A 134 -5.58 -13.30 -11.82
CA LEU A 134 -5.43 -14.59 -12.51
C LEU A 134 -5.64 -14.44 -14.01
N ALA A 135 -6.68 -13.70 -14.43
CA ALA A 135 -6.91 -13.52 -15.86
C ALA A 135 -5.73 -12.82 -16.53
N GLY A 136 -5.18 -11.79 -15.89
CA GLY A 136 -4.03 -11.10 -16.47
C GLY A 136 -2.84 -12.02 -16.65
N ALA A 137 -2.68 -13.00 -15.76
CA ALA A 137 -1.60 -13.96 -15.91
C ALA A 137 -1.83 -14.89 -17.09
N VAL A 138 -3.08 -15.31 -17.30
CA VAL A 138 -3.41 -16.16 -18.45
C VAL A 138 -3.15 -15.44 -19.76
N ARG A 139 -3.50 -14.16 -19.82
CA ARG A 139 -3.29 -13.38 -21.04
C ARG A 139 -1.81 -13.13 -21.27
N ALA A 140 -1.08 -12.77 -20.22
CA ALA A 140 0.35 -12.54 -20.36
C ALA A 140 1.05 -13.78 -20.88
N ARG A 141 0.69 -14.96 -20.38
CA ARG A 141 1.32 -16.16 -20.91
C ARG A 141 0.91 -16.38 -22.35
N ALA A 142 -0.39 -16.21 -22.67
CA ALA A 142 -0.83 -16.38 -24.05
C ALA A 142 -0.22 -15.34 -24.96
N ASP A 143 0.23 -14.21 -24.41
CA ASP A 143 0.90 -13.18 -25.17
C ASP A 143 2.41 -13.38 -25.12
N GLY A 144 2.88 -14.50 -24.59
CA GLY A 144 4.29 -14.76 -24.60
C GLY A 144 5.13 -13.99 -23.60
N GLN A 145 4.50 -13.39 -22.59
CA GLN A 145 5.28 -12.61 -21.63
C GLN A 145 5.75 -13.42 -20.45
N LEU A 146 5.26 -14.65 -20.32
CA LEU A 146 5.62 -15.55 -19.22
C LEU A 146 6.14 -16.85 -19.79
N PRO A 147 7.31 -16.83 -20.39
CA PRO A 147 7.84 -18.04 -21.04
C PRO A 147 8.05 -19.20 -20.07
N ASN A 148 8.35 -18.92 -18.81
CA ASN A 148 8.61 -20.00 -17.87
C ASN A 148 7.33 -20.62 -17.33
N MET A 149 6.20 -19.91 -17.43
CA MET A 149 4.95 -20.31 -16.80
C MET A 149 4.36 -21.51 -17.53
N ARG A 150 4.43 -22.68 -16.92
CA ARG A 150 3.93 -23.89 -17.55
C ARG A 150 2.58 -24.32 -17.04
N ALA A 151 2.16 -23.84 -15.87
CA ALA A 151 0.86 -24.22 -15.34
C ALA A 151 0.30 -23.05 -14.54
N ILE A 152 -0.92 -22.66 -14.88
CA ILE A 152 -1.63 -21.62 -14.18
C ILE A 152 -2.89 -22.25 -13.59
N VAL A 153 -3.03 -22.15 -12.28
CA VAL A 153 -4.09 -22.83 -11.54
C VAL A 153 -4.94 -21.79 -10.85
N GLY A 154 -6.26 -21.89 -11.04
CA GLY A 154 -7.17 -21.01 -10.33
C GLY A 154 -8.00 -21.78 -9.31
N PHE A 155 -8.62 -21.05 -8.38
CA PHE A 155 -9.51 -21.63 -7.39
C PHE A 155 -10.89 -20.99 -7.48
N ALA A 156 -11.90 -21.74 -7.10
CA ALA A 156 -13.26 -21.23 -7.09
C ALA A 156 -14.04 -21.97 -6.03
N ALA A 157 -14.92 -21.24 -5.36
CA ALA A 157 -15.94 -21.82 -4.50
C ALA A 157 -17.25 -21.55 -5.20
N GLU A 158 -17.90 -22.60 -5.73
CA GLU A 158 -19.10 -22.47 -6.54
C GLU A 158 -20.27 -23.21 -5.90
N THR A 159 -21.49 -22.78 -6.25
CA THR A 159 -22.69 -23.46 -5.78
C THR A 159 -23.73 -23.44 -6.88
N GLY A 160 -24.80 -24.19 -6.67
CA GLY A 160 -25.91 -24.26 -7.60
C GLY A 160 -27.02 -23.32 -7.13
N ASP A 161 -27.58 -22.58 -8.07
CA ASP A 161 -28.53 -21.54 -7.74
C ASP A 161 -29.58 -21.47 -8.84
N ALA A 162 -30.45 -20.46 -8.74
CA ALA A 162 -31.49 -20.25 -9.75
C ALA A 162 -30.92 -19.96 -11.12
N ASN A 163 -29.61 -19.70 -11.21
CA ASN A 163 -28.96 -19.40 -12.46
C ASN A 163 -28.10 -20.53 -12.94
N GLY A 164 -28.21 -21.70 -12.33
CA GLY A 164 -27.52 -22.88 -12.80
C GLY A 164 -26.95 -23.72 -11.69
N ASP A 165 -26.77 -25.00 -11.98
CA ASP A 165 -26.16 -25.95 -11.08
C ASP A 165 -24.69 -25.65 -10.90
N VAL A 166 -24.16 -26.12 -9.76
CA VAL A 166 -22.78 -25.86 -9.38
C VAL A 166 -21.79 -26.17 -10.50
N LEU A 167 -22.02 -27.29 -11.19
CA LEU A 167 -21.10 -27.69 -12.25
C LEU A 167 -21.15 -26.71 -13.43
N PHE A 168 -22.33 -26.24 -13.78
CA PHE A 168 -22.47 -25.26 -14.84
C PHE A 168 -21.68 -24.02 -14.49
N HIS A 169 -21.87 -23.50 -13.29
CA HIS A 169 -21.15 -22.31 -12.88
C HIS A 169 -19.65 -22.57 -12.88
N ALA A 170 -19.24 -23.76 -12.45
CA ALA A 170 -17.82 -24.11 -12.35
C ALA A 170 -17.19 -24.17 -13.73
N ARG A 171 -17.86 -24.85 -14.65
CA ARG A 171 -17.34 -24.94 -16.01
C ARG A 171 -17.26 -23.58 -16.66
N ALA A 172 -18.28 -22.76 -16.47
CA ALA A 172 -18.26 -21.40 -17.02
C ALA A 172 -17.08 -20.60 -16.46
N LYS A 173 -16.75 -20.83 -15.19
CA LYS A 173 -15.63 -20.10 -14.60
C LYS A 173 -14.30 -20.56 -15.19
N LEU A 174 -14.16 -21.85 -15.46
CA LEU A 174 -12.93 -22.29 -16.09
C LEU A 174 -12.79 -21.67 -17.47
N GLU A 175 -13.88 -21.66 -18.24
CA GLU A 175 -13.83 -21.12 -19.59
C GLU A 175 -13.56 -19.62 -19.61
N ARG A 176 -14.17 -18.85 -18.73
CA ARG A 176 -13.93 -17.41 -18.78
C ARG A 176 -12.53 -17.06 -18.29
N LYS A 177 -12.00 -17.82 -17.33
CA LYS A 177 -10.68 -17.51 -16.77
C LYS A 177 -9.58 -17.96 -17.70
N GLY A 178 -9.76 -19.14 -18.29
CA GLY A 178 -8.78 -19.69 -19.21
C GLY A 178 -7.55 -20.30 -18.58
N CYS A 179 -7.59 -20.69 -17.31
CA CYS A 179 -6.40 -21.27 -16.69
C CYS A 179 -6.24 -22.74 -17.10
N ASP A 180 -5.12 -23.33 -16.66
CA ASP A 180 -4.86 -24.72 -17.02
C ASP A 180 -5.69 -25.65 -16.16
N LEU A 181 -5.88 -25.30 -14.90
CA LEU A 181 -6.68 -26.10 -14.01
C LEU A 181 -7.49 -25.14 -13.14
N LEU A 182 -8.71 -25.56 -12.84
CA LEU A 182 -9.56 -24.85 -11.90
C LEU A 182 -9.87 -25.82 -10.77
N VAL A 183 -9.48 -25.47 -9.55
CA VAL A 183 -9.73 -26.28 -8.36
C VAL A 183 -10.99 -25.75 -7.70
N VAL A 184 -12.07 -26.51 -7.76
CA VAL A 184 -13.39 -26.03 -7.35
C VAL A 184 -13.83 -26.74 -6.08
N ASN A 185 -14.22 -25.98 -5.10
CA ASN A 185 -14.87 -26.52 -3.94
C ASN A 185 -16.35 -26.18 -4.10
N ALA A 186 -17.23 -26.99 -3.49
CA ALA A 186 -18.66 -26.74 -3.66
C ALA A 186 -19.45 -26.93 -2.38
N ASN A 198 -17.81 -36.67 -2.09
CA ASN A 198 -16.81 -35.84 -2.74
C ASN A 198 -16.99 -34.36 -2.46
N ASP A 199 -15.86 -33.66 -2.35
CA ASP A 199 -15.79 -32.26 -1.93
C ASP A 199 -15.92 -31.27 -3.07
N GLY A 200 -15.46 -31.62 -4.26
CA GLY A 200 -15.52 -30.73 -5.40
C GLY A 200 -14.94 -31.30 -6.67
N TRP A 201 -14.22 -30.47 -7.45
CA TRP A 201 -13.78 -30.90 -8.76
C TRP A 201 -12.42 -30.32 -9.11
N LEU A 202 -11.70 -31.06 -9.96
CA LEU A 202 -10.47 -30.60 -10.61
C LEU A 202 -10.76 -30.53 -12.09
N LEU A 203 -10.92 -29.33 -12.62
CA LEU A 203 -11.28 -29.14 -14.02
C LEU A 203 -10.05 -28.71 -14.79
N SER A 204 -9.73 -29.45 -15.85
CA SER A 204 -8.56 -29.17 -16.66
C SER A 204 -8.95 -28.44 -17.92
N ALA A 205 -7.98 -27.71 -18.48
CA ALA A 205 -8.20 -27.00 -19.72
C ALA A 205 -8.39 -27.90 -20.93
N ASP A 206 -8.08 -29.18 -20.82
CA ASP A 206 -8.36 -30.10 -21.91
C ASP A 206 -9.77 -30.67 -21.84
N GLY A 207 -10.57 -30.28 -20.88
CA GLY A 207 -11.89 -30.84 -20.72
C GLY A 207 -11.94 -31.99 -19.75
N THR A 208 -10.85 -32.24 -19.04
CA THR A 208 -10.80 -33.27 -18.02
C THR A 208 -11.44 -32.74 -16.74
N GLU A 209 -12.23 -33.60 -16.10
CA GLU A 209 -12.92 -33.23 -14.88
C GLU A 209 -12.68 -34.33 -13.84
N SER A 210 -12.32 -33.96 -12.63
CA SER A 210 -12.05 -34.95 -11.59
C SER A 210 -12.67 -34.51 -10.28
N ALA A 211 -13.48 -35.38 -9.68
CA ALA A 211 -14.03 -35.03 -8.39
C ALA A 211 -12.89 -34.85 -7.40
N LEU A 212 -13.09 -33.99 -6.43
CA LEU A 212 -12.13 -33.83 -5.36
C LEU A 212 -12.75 -34.52 -4.15
N GLU A 213 -12.18 -35.65 -3.77
CA GLU A 213 -12.67 -36.37 -2.60
C GLU A 213 -12.31 -35.58 -1.36
N HIS A 214 -13.26 -35.47 -0.43
CA HIS A 214 -12.95 -34.81 0.82
C HIS A 214 -11.84 -35.53 1.55
N GLY A 215 -10.88 -34.78 2.05
CA GLY A 215 -9.93 -35.32 2.97
C GLY A 215 -9.45 -34.15 3.79
N SER A 216 -8.36 -34.33 4.52
CA SER A 216 -7.78 -33.19 5.19
C SER A 216 -7.27 -32.23 4.14
N LYS A 217 -7.03 -30.98 4.54
CA LYS A 217 -6.41 -30.04 3.63
C LYS A 217 -5.08 -30.57 3.08
N THR A 218 -4.38 -31.38 3.88
CA THR A 218 -3.13 -31.99 3.43
C THR A 218 -3.38 -33.01 2.33
N LEU A 219 -4.37 -33.88 2.52
CA LEU A 219 -4.67 -34.90 1.53
C LEU A 219 -5.23 -34.29 0.26
N MET A 220 -6.11 -33.31 0.39
CA MET A 220 -6.65 -32.65 -0.78
C MET A 220 -5.57 -31.84 -1.49
N ALA A 221 -4.62 -31.26 -0.75
CA ALA A 221 -3.49 -30.61 -1.41
C ALA A 221 -2.65 -31.60 -2.22
N THR A 222 -2.62 -32.88 -1.79
CA THR A 222 -1.89 -33.89 -2.54
C THR A 222 -2.59 -34.26 -3.84
N ARG A 223 -3.93 -34.39 -3.82
CA ARG A 223 -4.67 -34.68 -5.03
C ARG A 223 -4.55 -33.53 -6.02
N ILE A 224 -4.39 -32.33 -5.50
CA ILE A 224 -4.22 -31.16 -6.35
C ILE A 224 -2.84 -31.16 -7.00
N VAL A 225 -1.78 -31.27 -6.19
CA VAL A 225 -0.43 -31.25 -6.72
C VAL A 225 -0.20 -32.45 -7.62
N ASP A 226 -0.80 -33.57 -7.28
CA ASP A 226 -0.77 -34.71 -8.19
C ASP A 226 -1.42 -34.33 -9.52
N SER A 227 -2.52 -33.59 -9.48
CA SER A 227 -3.14 -33.12 -10.73
C SER A 227 -2.23 -32.15 -11.47
N ILE A 228 -1.54 -31.28 -10.72
CA ILE A 228 -0.64 -30.31 -11.35
C ILE A 228 0.53 -31.04 -11.98
N ALA A 229 1.17 -31.94 -11.22
CA ALA A 229 2.26 -32.74 -11.75
C ALA A 229 1.83 -33.45 -13.02
N ALA A 230 0.60 -33.98 -13.02
CA ALA A 230 0.05 -34.66 -14.19
C ALA A 230 -0.04 -33.71 -15.39
N PHE A 231 -0.56 -32.51 -15.18
CA PHE A 231 -0.67 -31.54 -16.27
C PHE A 231 0.70 -31.12 -16.76
N LEU A 232 1.65 -30.96 -15.84
CA LEU A 232 2.99 -30.58 -16.23
C LEU A 232 3.65 -31.66 -17.06
N LYS A 233 3.26 -32.92 -16.84
CA LYS A 233 3.82 -34.01 -17.62
C LYS A 233 3.24 -34.03 -19.02
N SER A 234 1.93 -33.76 -19.14
CA SER A 234 1.31 -33.57 -20.45
C SER A 234 1.79 -32.30 -21.14
N GLN A 235 2.32 -31.34 -20.40
CA GLN A 235 2.83 -30.10 -20.99
C GLN A 235 4.32 -30.23 -21.29
N HIS B 7 -2.41 -9.14 45.44
CA HIS B 7 -2.72 -10.55 45.72
C HIS B 7 -3.93 -11.03 44.91
N HIS B 8 -5.08 -11.21 45.56
CA HIS B 8 -6.32 -11.58 44.89
C HIS B 8 -7.40 -10.57 45.23
N ASP B 9 -7.21 -9.35 44.74
CA ASP B 9 -8.12 -8.27 45.11
C ASP B 9 -9.46 -8.36 44.39
N MET B 10 -9.57 -9.03 43.25
CA MET B 10 -10.86 -9.18 42.58
C MET B 10 -11.61 -10.44 42.98
N ALA B 11 -11.31 -11.00 44.15
CA ALA B 11 -11.96 -12.25 44.56
C ALA B 11 -13.46 -12.08 44.61
N GLY B 12 -14.17 -13.03 44.02
CA GLY B 12 -15.60 -12.96 44.08
C GLY B 12 -16.23 -11.89 43.23
N VAL B 13 -15.46 -11.16 42.44
CA VAL B 13 -16.02 -10.09 41.64
C VAL B 13 -16.48 -10.71 40.31
N LYS B 14 -17.70 -10.40 39.90
CA LYS B 14 -18.22 -10.88 38.63
C LYS B 14 -17.92 -9.84 37.58
N ALA B 15 -17.11 -10.20 36.58
CA ALA B 15 -16.70 -9.31 35.49
C ALA B 15 -17.14 -9.85 34.13
N LEU B 16 -17.62 -8.94 33.28
CA LEU B 16 -17.96 -9.23 31.89
C LEU B 16 -17.08 -8.41 30.97
N VAL B 17 -16.41 -9.07 30.02
CA VAL B 17 -15.41 -8.42 29.17
C VAL B 17 -15.77 -8.68 27.71
N THR B 18 -15.61 -7.66 26.86
CA THR B 18 -15.71 -7.80 25.40
C THR B 18 -14.36 -7.52 24.75
N ALA B 19 -14.04 -8.24 23.69
CA ALA B 19 -12.73 -8.06 23.10
C ALA B 19 -12.78 -8.39 21.63
N GLY B 20 -11.86 -7.82 20.88
CA GLY B 20 -11.78 -8.05 19.46
C GLY B 20 -12.57 -7.05 18.66
N GLY B 21 -12.53 -7.24 17.36
CA GLY B 21 -13.26 -6.40 16.43
C GLY B 21 -14.43 -7.19 15.89
N THR B 22 -15.49 -6.48 15.56
CA THR B 22 -16.68 -7.08 14.98
C THR B 22 -16.59 -7.08 13.44
N ARG B 23 -17.42 -7.93 12.83
CA ARG B 23 -17.48 -8.08 11.38
C ARG B 23 -18.92 -7.93 10.94
N GLU B 24 -19.16 -6.95 10.12
CA GLU B 24 -20.50 -6.57 9.72
C GLU B 24 -20.78 -7.14 8.34
N PRO B 25 -21.66 -8.11 8.20
CA PRO B 25 -21.76 -8.82 6.93
C PRO B 25 -22.26 -7.93 5.80
N LEU B 26 -21.62 -8.09 4.65
CA LEU B 26 -22.13 -7.56 3.41
C LEU B 26 -22.95 -8.61 2.70
N ASP B 27 -22.55 -9.85 2.86
CA ASP B 27 -23.19 -11.03 2.34
C ASP B 27 -22.61 -12.17 3.17
N PRO B 28 -22.85 -13.44 2.86
CA PRO B 28 -22.37 -14.50 3.77
C PRO B 28 -20.86 -14.60 3.93
N VAL B 29 -20.06 -14.05 3.03
CA VAL B 29 -18.62 -14.29 3.08
C VAL B 29 -17.84 -13.00 3.25
N ARG B 30 -18.39 -11.90 2.80
CA ARG B 30 -17.69 -10.63 2.88
C ARG B 30 -18.30 -9.78 3.99
N PHE B 31 -17.51 -8.83 4.45
CA PHE B 31 -17.87 -8.05 5.62
C PHE B 31 -16.98 -6.81 5.67
N ILE B 32 -17.34 -5.92 6.55
CA ILE B 32 -16.48 -4.85 6.97
C ILE B 32 -15.92 -5.22 8.34
N GLY B 33 -14.59 -5.16 8.47
CA GLY B 33 -13.94 -5.51 9.71
C GLY B 33 -13.00 -4.41 10.14
N ASN B 34 -12.34 -4.64 11.26
CA ASN B 34 -11.32 -3.74 11.75
C ASN B 34 -10.11 -4.56 12.20
N ARG B 35 -9.01 -3.87 12.47
CA ARG B 35 -7.76 -4.59 12.72
C ARG B 35 -7.50 -4.84 14.19
N SER B 36 -8.45 -4.53 15.08
CA SER B 36 -8.22 -4.74 16.50
C SER B 36 -7.97 -6.21 16.73
N SER B 37 -6.89 -6.51 17.42
CA SER B 37 -6.58 -7.92 17.66
C SER B 37 -7.39 -8.49 18.81
N GLY B 38 -7.86 -7.66 19.72
CA GLY B 38 -8.48 -8.15 20.92
C GLY B 38 -7.50 -8.67 21.96
N LYS B 39 -6.21 -8.69 21.66
CA LYS B 39 -5.24 -9.24 22.60
C LYS B 39 -5.28 -8.45 23.90
N GLN B 40 -5.45 -7.13 23.81
CA GLN B 40 -5.50 -6.32 25.03
C GLN B 40 -6.73 -6.69 25.87
N GLY B 41 -7.86 -6.93 25.22
CA GLY B 41 -9.05 -7.35 25.95
C GLY B 41 -8.89 -8.70 26.60
N TYR B 42 -8.31 -9.66 25.88
CA TYR B 42 -8.01 -10.94 26.49
C TYR B 42 -7.08 -10.76 27.69
N ALA B 43 -6.16 -9.80 27.60
CA ALA B 43 -5.20 -9.61 28.69
C ALA B 43 -5.90 -9.20 29.98
N VAL B 44 -6.88 -8.30 29.88
CA VAL B 44 -7.61 -7.86 31.07
C VAL B 44 -8.41 -9.00 31.66
N ALA B 45 -9.12 -9.75 30.80
CA ALA B 45 -9.86 -10.91 31.26
C ALA B 45 -8.94 -11.89 31.95
N ARG B 46 -7.79 -12.13 31.36
CA ARG B 46 -6.84 -13.05 31.95
C ARG B 46 -6.36 -12.54 33.30
N VAL B 47 -5.95 -11.28 33.36
CA VAL B 47 -5.47 -10.71 34.62
C VAL B 47 -6.58 -10.71 35.66
N LEU B 48 -7.81 -10.47 35.22
CA LEU B 48 -8.94 -10.52 36.16
C LEU B 48 -9.15 -11.91 36.70
N ALA B 49 -9.19 -12.91 35.82
CA ALA B 49 -9.33 -14.27 36.30
C ALA B 49 -8.18 -14.61 37.21
N GLN B 50 -7.00 -14.06 36.89
CA GLN B 50 -5.81 -14.28 37.69
C GLN B 50 -5.92 -13.66 39.08
N ARG B 51 -6.73 -12.63 39.24
CA ARG B 51 -6.85 -11.98 40.55
C ARG B 51 -8.17 -12.29 41.25
N GLY B 52 -8.85 -13.37 40.84
CA GLY B 52 -9.98 -13.92 41.55
C GLY B 52 -11.34 -13.65 40.95
N ALA B 53 -11.42 -12.90 39.87
CA ALA B 53 -12.73 -12.53 39.34
C ALA B 53 -13.40 -13.70 38.62
N ASP B 54 -14.75 -13.70 38.61
CA ASP B 54 -15.57 -14.65 37.85
C ASP B 54 -15.88 -14.06 36.47
N VAL B 55 -15.04 -14.38 35.50
CA VAL B 55 -14.97 -13.65 34.24
C VAL B 55 -15.80 -14.35 33.16
N THR B 56 -16.58 -13.56 32.43
CA THR B 56 -17.20 -13.95 31.17
C THR B 56 -16.64 -13.09 30.05
N LEU B 57 -16.19 -13.72 28.96
CA LEU B 57 -15.55 -13.02 27.83
C LEU B 57 -16.34 -13.18 26.53
N ILE B 58 -16.84 -12.07 26.01
CA ILE B 58 -17.49 -12.02 24.72
C ILE B 58 -16.44 -11.66 23.68
N ALA B 59 -16.21 -12.54 22.71
CA ALA B 59 -15.08 -12.45 21.79
C ALA B 59 -15.58 -12.25 20.36
N GLY B 60 -15.02 -11.24 19.69
CA GLY B 60 -15.25 -10.99 18.29
C GLY B 60 -14.30 -11.70 17.35
N ASN B 61 -13.64 -10.95 16.47
CA ASN B 61 -12.78 -11.54 15.44
C ASN B 61 -11.42 -11.90 16.03
N THR B 62 -11.44 -12.89 16.91
CA THR B 62 -10.27 -13.33 17.65
C THR B 62 -10.11 -14.85 17.60
N ALA B 63 -10.33 -15.47 16.46
CA ALA B 63 -10.32 -16.93 16.47
C ALA B 63 -8.93 -17.53 16.68
N GLY B 64 -7.85 -16.78 16.43
CA GLY B 64 -6.56 -17.41 16.62
C GLY B 64 -5.88 -17.14 17.95
N LEU B 65 -6.64 -16.61 18.91
CA LEU B 65 -6.14 -16.36 20.25
C LEU B 65 -6.55 -17.51 21.16
N ILE B 66 -5.77 -17.67 22.22
CA ILE B 66 -6.00 -18.77 23.15
C ILE B 66 -7.06 -18.29 24.12
N ASP B 67 -8.06 -19.13 24.38
CA ASP B 67 -9.04 -18.80 25.40
C ASP B 67 -8.34 -18.64 26.74
N PRO B 68 -8.56 -17.55 27.46
CA PRO B 68 -7.89 -17.39 28.77
C PRO B 68 -8.37 -18.43 29.77
N ALA B 69 -7.46 -18.83 30.66
CA ALA B 69 -7.81 -19.88 31.60
C ALA B 69 -8.77 -19.37 32.69
N GLY B 70 -9.71 -20.24 33.09
CA GLY B 70 -10.75 -19.95 34.08
C GLY B 70 -11.86 -19.02 33.63
N VAL B 71 -11.98 -18.76 32.32
CA VAL B 71 -12.84 -17.72 31.78
C VAL B 71 -13.94 -18.36 30.93
N GLU B 72 -15.19 -17.98 31.21
CA GLU B 72 -16.34 -18.41 30.42
C GLU B 72 -16.38 -17.65 29.09
N MET B 73 -16.37 -18.36 27.96
CA MET B 73 -16.26 -17.74 26.65
C MET B 73 -17.61 -17.58 25.98
N VAL B 74 -17.84 -16.41 25.38
CA VAL B 74 -19.04 -16.14 24.60
C VAL B 74 -18.58 -15.61 23.24
N HIS B 75 -18.99 -16.27 22.18
CA HIS B 75 -18.52 -15.92 20.85
C HIS B 75 -19.61 -15.19 20.05
N ILE B 76 -19.24 -14.08 19.42
CA ILE B 76 -20.18 -13.29 18.62
C ILE B 76 -19.53 -12.97 17.28
N GLY B 77 -20.36 -12.48 16.36
CA GLY B 77 -19.85 -12.09 15.06
C GLY B 77 -19.96 -10.59 14.84
N SER B 78 -21.19 -10.11 14.66
CA SER B 78 -21.37 -8.70 14.32
C SER B 78 -21.53 -7.85 15.56
N ALA B 79 -21.52 -6.53 15.36
CA ALA B 79 -21.70 -5.61 16.47
C ALA B 79 -23.07 -5.78 17.11
N THR B 80 -24.08 -6.16 16.32
CA THR B 80 -25.40 -6.39 16.87
C THR B 80 -25.43 -7.66 17.71
N GLN B 81 -24.74 -8.72 17.28
CA GLN B 81 -24.66 -9.94 18.08
C GLN B 81 -23.94 -9.65 19.39
N LEU B 82 -22.94 -8.78 19.34
CA LEU B 82 -22.27 -8.36 20.57
C LEU B 82 -23.25 -7.66 21.51
N ARG B 83 -24.07 -6.76 20.98
CA ARG B 83 -25.04 -6.04 21.80
C ARG B 83 -25.99 -7.00 22.51
N ASP B 84 -26.52 -7.97 21.76
CA ASP B 84 -27.42 -8.96 22.34
C ASP B 84 -26.73 -9.72 23.45
N ALA B 85 -25.48 -10.09 23.23
CA ALA B 85 -24.73 -10.84 24.23
C ALA B 85 -24.45 -9.99 25.46
N VAL B 86 -24.24 -8.70 25.27
CA VAL B 86 -24.01 -7.84 26.43
C VAL B 86 -25.29 -7.68 27.22
N SER B 87 -26.41 -7.42 26.55
CA SER B 87 -27.68 -7.35 27.25
C SER B 87 -27.98 -8.64 28.00
N LYS B 88 -27.52 -9.77 27.47
CA LYS B 88 -27.81 -11.03 28.12
C LYS B 88 -26.99 -11.22 29.39
N HIS B 89 -25.71 -10.86 29.36
CA HIS B 89 -24.79 -11.19 30.45
C HIS B 89 -24.50 -10.07 31.43
N ALA B 90 -24.90 -8.85 31.12
CA ALA B 90 -24.57 -7.68 31.93
C ALA B 90 -25.26 -7.64 33.28
N PRO B 91 -26.52 -8.10 33.41
CA PRO B 91 -27.15 -8.09 34.74
C PRO B 91 -26.39 -8.86 35.81
N ASP B 92 -25.60 -9.86 35.45
CA ASP B 92 -24.89 -10.65 36.44
C ASP B 92 -23.54 -10.06 36.81
N ALA B 93 -23.04 -9.08 36.04
CA ALA B 93 -21.70 -8.54 36.24
C ALA B 93 -21.67 -7.42 37.27
N ASN B 94 -20.60 -7.36 38.05
CA ASN B 94 -20.29 -6.18 38.84
C ASN B 94 -19.42 -5.20 38.09
N VAL B 95 -18.69 -5.68 37.10
CA VAL B 95 -17.75 -4.87 36.35
C VAL B 95 -17.91 -5.21 34.88
N LEU B 96 -17.99 -4.20 34.03
CA LEU B 96 -18.07 -4.39 32.60
C LEU B 96 -16.92 -3.68 31.90
N VAL B 97 -16.18 -4.42 31.08
CA VAL B 97 -15.00 -3.91 30.40
C VAL B 97 -15.20 -4.06 28.89
N MET B 98 -15.40 -2.93 28.20
CA MET B 98 -15.70 -2.88 26.77
C MET B 98 -14.42 -2.63 25.97
N ALA B 99 -13.65 -3.69 25.75
CA ALA B 99 -12.40 -3.58 24.98
C ALA B 99 -12.57 -3.91 23.50
N ALA B 100 -13.78 -4.28 23.09
CA ALA B 100 -13.98 -4.60 21.69
C ALA B 100 -13.91 -3.35 20.83
N ALA B 101 -13.33 -3.50 19.66
CA ALA B 101 -13.44 -2.45 18.66
C ALA B 101 -14.74 -2.71 17.95
N VAL B 102 -15.81 -2.17 18.51
CA VAL B 102 -17.13 -2.41 17.94
C VAL B 102 -17.30 -1.52 16.72
N ALA B 103 -17.75 -2.11 15.62
CA ALA B 103 -17.89 -1.38 14.37
C ALA B 103 -18.93 -0.27 14.53
N ASP B 104 -18.58 0.94 14.11
CA ASP B 104 -19.46 2.08 14.32
C ASP B 104 -20.67 2.02 13.39
N PHE B 105 -20.54 1.38 12.23
CA PHE B 105 -21.57 1.35 11.19
C PHE B 105 -21.64 -0.06 10.62
N ARG B 106 -22.73 -0.37 9.92
CA ARG B 106 -22.86 -1.64 9.23
C ARG B 106 -23.51 -1.43 7.86
N PRO B 107 -23.37 -2.38 6.95
CA PRO B 107 -24.08 -2.27 5.66
C PRO B 107 -25.59 -2.17 5.87
N ALA B 108 -26.21 -1.22 5.15
CA ALA B 108 -27.66 -1.08 5.22
C ALA B 108 -28.38 -2.31 4.66
N HIS B 109 -27.76 -3.01 3.72
CA HIS B 109 -28.35 -4.22 3.17
C HIS B 109 -27.34 -5.35 3.25
N VAL B 110 -27.82 -6.53 3.60
CA VAL B 110 -27.00 -7.72 3.61
C VAL B 110 -27.57 -8.64 2.54
N ALA B 111 -26.74 -8.99 1.57
CA ALA B 111 -27.18 -9.94 0.56
C ALA B 111 -27.24 -11.31 1.18
N ALA B 112 -28.31 -12.05 0.90
CA ALA B 112 -28.40 -13.42 1.39
C ALA B 112 -27.49 -14.37 0.62
N ALA B 113 -26.98 -13.93 -0.53
CA ALA B 113 -26.01 -14.70 -1.31
C ALA B 113 -24.77 -13.84 -1.62
N LYS B 114 -23.68 -14.53 -2.00
CA LYS B 114 -22.42 -13.88 -2.38
C LYS B 114 -22.61 -13.00 -3.61
N ILE B 115 -22.06 -11.79 -3.56
CA ILE B 115 -22.32 -10.76 -4.56
C ILE B 115 -21.37 -10.91 -5.75
N LYS B 116 -21.88 -10.80 -6.97
CA LYS B 116 -21.03 -10.81 -8.18
C LYS B 116 -21.05 -9.48 -8.95
N ALA B 119 -21.24 -6.28 -13.33
CA ALA B 119 -19.99 -6.41 -14.08
C ALA B 119 -19.62 -5.08 -14.76
N SER B 120 -20.38 -4.03 -14.47
CA SER B 120 -20.18 -2.74 -15.13
C SER B 120 -19.80 -1.65 -14.13
N GLU B 121 -20.81 -1.07 -13.48
CA GLU B 121 -20.56 0.00 -12.55
C GLU B 121 -20.63 -0.44 -11.14
N PRO B 122 -19.59 -0.19 -10.39
CA PRO B 122 -19.52 -0.56 -8.98
C PRO B 122 -20.58 0.04 -8.11
N SER B 123 -21.06 -0.73 -7.17
CA SER B 123 -22.02 -0.18 -6.24
C SER B 123 -21.38 0.53 -5.09
N SER B 124 -22.17 1.23 -4.33
CA SER B 124 -21.65 1.88 -3.20
C SER B 124 -22.27 1.06 -2.07
N ILE B 125 -21.73 1.15 -0.88
CA ILE B 125 -22.27 0.45 0.22
C ILE B 125 -22.91 1.44 1.12
N ASP B 126 -24.26 1.50 1.15
CA ASP B 126 -24.91 2.38 2.11
C ASP B 126 -24.69 1.85 3.52
N LEU B 127 -24.59 2.76 4.47
CA LEU B 127 -24.27 2.38 5.83
C LEU B 127 -25.36 2.85 6.79
N VAL B 128 -25.50 2.09 7.87
CA VAL B 128 -26.38 2.42 8.98
C VAL B 128 -25.60 2.30 10.29
N ARG B 129 -25.90 3.17 11.24
CA ARG B 129 -25.16 3.18 12.49
C ARG B 129 -25.55 2.00 13.36
N ASN B 130 -24.55 1.36 13.95
CA ASN B 130 -24.78 0.35 14.97
C ASN B 130 -25.04 1.00 16.32
N ASP B 131 -25.74 0.26 17.18
CA ASP B 131 -26.04 0.75 18.52
C ASP B 131 -24.77 0.86 19.37
N ASP B 132 -24.75 1.86 20.26
CA ASP B 132 -23.66 2.07 21.21
C ASP B 132 -23.94 1.21 22.42
N VAL B 133 -23.24 0.08 22.54
CA VAL B 133 -23.44 -0.86 23.63
C VAL B 133 -23.02 -0.23 24.95
N LEU B 134 -21.91 0.52 24.95
CA LEU B 134 -21.39 1.13 26.17
C LEU B 134 -22.33 2.19 26.72
N ALA B 135 -22.85 3.06 25.86
CA ALA B 135 -23.84 4.03 26.32
C ALA B 135 -25.11 3.35 26.81
N GLY B 136 -25.57 2.31 26.08
CA GLY B 136 -26.77 1.60 26.49
C GLY B 136 -26.66 0.99 27.87
N ALA B 137 -25.47 0.50 28.21
CA ALA B 137 -25.26 -0.02 29.56
C ALA B 137 -25.20 1.11 30.57
N VAL B 138 -24.50 2.20 30.21
CA VAL B 138 -24.43 3.36 31.08
C VAL B 138 -25.84 3.85 31.36
N ARG B 139 -26.68 3.85 30.33
CA ARG B 139 -28.08 4.22 30.49
C ARG B 139 -28.87 3.18 31.30
N ALA B 140 -28.65 1.89 31.03
CA ALA B 140 -29.36 0.87 31.79
C ALA B 140 -29.03 0.97 33.26
N ARG B 141 -27.76 1.19 33.59
CA ARG B 141 -27.45 1.29 35.00
C ARG B 141 -28.09 2.53 35.61
N ALA B 142 -28.02 3.65 34.91
CA ALA B 142 -28.67 4.86 35.37
C ALA B 142 -30.18 4.71 35.43
N ASP B 143 -30.75 3.77 34.69
CA ASP B 143 -32.18 3.55 34.77
C ASP B 143 -32.51 2.51 35.82
N GLY B 144 -31.54 2.11 36.62
CA GLY B 144 -31.80 1.14 37.65
C GLY B 144 -31.91 -0.28 37.15
N GLN B 145 -31.46 -0.57 35.93
CA GLN B 145 -31.59 -1.90 35.41
C GLN B 145 -30.36 -2.76 35.66
N LEU B 146 -29.26 -2.17 36.14
CA LEU B 146 -28.03 -2.90 36.41
C LEU B 146 -27.61 -2.68 37.85
N PRO B 147 -28.38 -3.22 38.80
CA PRO B 147 -28.07 -2.98 40.22
C PRO B 147 -26.72 -3.53 40.64
N ASN B 148 -26.22 -4.57 39.96
CA ASN B 148 -24.94 -5.17 40.33
C ASN B 148 -23.75 -4.40 39.78
N MET B 149 -23.98 -3.47 38.86
CA MET B 149 -22.88 -2.81 38.17
C MET B 149 -22.16 -1.86 39.10
N ARG B 150 -20.93 -2.19 39.44
CA ARG B 150 -20.13 -1.27 40.23
C ARG B 150 -19.11 -0.52 39.39
N ALA B 151 -18.78 -1.01 38.21
CA ALA B 151 -17.76 -0.38 37.39
C ALA B 151 -18.02 -0.63 35.90
N ILE B 152 -18.02 0.44 35.11
CA ILE B 152 -18.11 0.36 33.65
C ILE B 152 -16.89 1.02 33.05
N VAL B 153 -16.12 0.28 32.27
CA VAL B 153 -14.83 0.72 31.75
C VAL B 153 -14.92 0.76 30.23
N GLY B 154 -14.55 1.90 29.65
CA GLY B 154 -14.52 2.03 28.20
C GLY B 154 -13.13 2.18 27.65
N PHE B 155 -12.98 1.95 26.34
CA PHE B 155 -11.70 2.11 25.66
C PHE B 155 -11.85 3.14 24.55
N ALA B 156 -10.76 3.84 24.26
CA ALA B 156 -10.80 4.84 23.21
C ALA B 156 -9.43 4.89 22.57
N ALA B 157 -9.40 5.08 21.28
CA ALA B 157 -8.17 5.31 20.55
C ALA B 157 -8.17 6.74 20.01
N GLU B 158 -7.24 7.55 20.49
CA GLU B 158 -7.15 8.94 20.07
C GLU B 158 -5.80 9.26 19.43
N ASP B 165 -4.06 17.28 21.07
CA ASP B 165 -4.18 16.89 22.46
C ASP B 165 -5.15 15.74 22.65
N VAL B 166 -4.60 14.53 22.81
CA VAL B 166 -5.43 13.35 23.07
C VAL B 166 -6.35 13.61 24.27
N LEU B 167 -5.80 14.23 25.32
CA LEU B 167 -6.57 14.45 26.54
C LEU B 167 -7.80 15.28 26.27
N PHE B 168 -7.72 16.24 25.34
CA PHE B 168 -8.90 16.99 24.94
C PHE B 168 -9.97 16.04 24.41
N HIS B 169 -9.60 15.21 23.44
CA HIS B 169 -10.54 14.24 22.89
C HIS B 169 -10.91 13.18 23.93
N ALA B 170 -9.94 12.73 24.72
CA ALA B 170 -10.15 11.64 25.67
C ALA B 170 -11.09 12.02 26.81
N ARG B 171 -10.84 13.15 27.47
CA ARG B 171 -11.72 13.56 28.57
C ARG B 171 -13.11 13.90 28.02
N ALA B 172 -13.19 14.50 26.83
CA ALA B 172 -14.48 14.74 26.19
C ALA B 172 -15.21 13.44 25.90
N LYS B 173 -14.49 12.42 25.45
CA LYS B 173 -15.12 11.14 25.18
C LYS B 173 -15.53 10.44 26.47
N LEU B 174 -14.71 10.56 27.51
CA LEU B 174 -15.09 10.00 28.81
C LEU B 174 -16.38 10.63 29.30
N GLU B 175 -16.50 11.96 29.15
CA GLU B 175 -17.68 12.67 29.60
C GLU B 175 -18.92 12.27 28.79
N ARG B 176 -18.76 12.08 27.47
CA ARG B 176 -19.90 11.76 26.63
C ARG B 176 -20.38 10.33 26.85
N LYS B 177 -19.48 9.41 27.17
CA LYS B 177 -19.91 8.04 27.37
C LYS B 177 -20.55 7.87 28.74
N GLY B 178 -20.04 8.57 29.73
CA GLY B 178 -20.59 8.43 31.05
C GLY B 178 -20.14 7.18 31.75
N CYS B 179 -19.07 6.55 31.28
CA CYS B 179 -18.55 5.39 31.96
C CYS B 179 -17.67 5.82 33.15
N ASP B 180 -17.27 4.84 33.97
CA ASP B 180 -16.52 5.14 35.17
C ASP B 180 -15.04 5.38 34.90
N LEU B 181 -14.46 4.64 33.96
CA LEU B 181 -13.06 4.83 33.57
C LEU B 181 -12.96 4.73 32.05
N LEU B 182 -12.07 5.53 31.48
CA LEU B 182 -11.78 5.48 30.06
C LEU B 182 -10.30 5.16 29.86
N VAL B 183 -10.02 4.05 29.20
CA VAL B 183 -8.67 3.68 28.85
C VAL B 183 -8.42 4.13 27.42
N VAL B 184 -7.59 5.13 27.26
CA VAL B 184 -7.37 5.77 25.98
C VAL B 184 -5.98 5.37 25.52
N ASN B 185 -5.89 4.91 24.27
CA ASN B 185 -4.64 4.48 23.64
C ASN B 185 -4.11 3.28 24.40
N ALA B 186 -4.72 2.11 24.17
CA ALA B 186 -4.29 0.85 24.77
C ALA B 186 -5.02 -0.33 24.11
N ASP B 199 0.82 8.98 25.48
CA ASP B 199 -0.33 8.68 24.62
C ASP B 199 -1.40 7.88 25.36
N GLY B 200 -1.01 6.77 25.98
CA GLY B 200 -1.95 5.93 26.71
C GLY B 200 -2.23 6.46 28.11
N TRP B 201 -3.51 6.50 28.48
CA TRP B 201 -3.91 7.14 29.73
C TRP B 201 -5.04 6.35 30.37
N LEU B 202 -5.14 6.49 31.70
CA LEU B 202 -6.28 6.02 32.49
C LEU B 202 -7.00 7.24 33.05
N LEU B 203 -8.19 7.52 32.51
CA LEU B 203 -8.99 8.66 32.93
C LEU B 203 -10.15 8.20 33.79
N SER B 204 -10.28 8.81 34.96
CA SER B 204 -11.36 8.52 35.86
C SER B 204 -12.42 9.60 35.72
N ALA B 205 -13.67 9.22 35.98
CA ALA B 205 -14.69 10.25 36.05
C ALA B 205 -14.51 11.09 37.31
N ASP B 206 -13.63 10.66 38.21
CA ASP B 206 -13.31 11.39 39.42
C ASP B 206 -12.35 12.54 39.16
N GLY B 207 -11.96 12.73 37.92
CA GLY B 207 -11.01 13.76 37.59
C GLY B 207 -9.60 13.30 37.71
N THR B 208 -9.39 12.02 37.99
CA THR B 208 -8.06 11.48 38.07
C THR B 208 -7.60 11.17 36.66
N GLU B 209 -6.36 11.53 36.40
CA GLU B 209 -5.74 11.29 35.13
C GLU B 209 -4.48 10.56 35.48
N SER B 210 -4.27 9.44 34.83
CA SER B 210 -3.02 8.72 34.98
C SER B 210 -2.62 8.35 33.59
N ALA B 211 -1.33 8.20 33.40
CA ALA B 211 -0.81 7.83 32.10
C ALA B 211 -0.53 6.34 32.15
N LEU B 212 -0.65 5.71 31.01
CA LEU B 212 -0.37 4.30 30.91
C LEU B 212 1.00 4.21 30.29
N GLU B 213 1.96 3.72 31.07
CA GLU B 213 3.30 3.60 30.52
C GLU B 213 3.19 2.60 29.41
N HIS B 214 3.57 3.02 28.20
CA HIS B 214 3.48 2.10 27.08
C HIS B 214 4.46 0.94 27.32
N GLY B 215 3.93 -0.14 27.91
CA GLY B 215 4.64 -1.37 28.17
C GLY B 215 3.88 -2.56 27.59
N SER B 216 4.11 -3.77 28.11
CA SER B 216 3.40 -4.94 27.59
C SER B 216 1.89 -4.84 27.79
N LYS B 217 1.16 -5.63 26.98
CA LYS B 217 -0.28 -5.80 27.18
C LYS B 217 -0.58 -6.36 28.56
N THR B 218 0.33 -7.19 29.11
CA THR B 218 0.17 -7.67 30.48
C THR B 218 0.37 -6.54 31.47
N LEU B 219 1.40 -5.72 31.24
CA LEU B 219 1.62 -4.63 32.16
C LEU B 219 0.49 -3.64 32.12
N MET B 220 -0.04 -3.33 30.92
CA MET B 220 -1.18 -2.42 30.86
C MET B 220 -2.46 -3.06 31.41
N ALA B 221 -2.66 -4.38 31.22
CA ALA B 221 -3.79 -5.07 31.85
C ALA B 221 -3.68 -5.06 33.38
N THR B 222 -2.45 -5.01 33.92
CA THR B 222 -2.30 -4.89 35.36
C THR B 222 -2.67 -3.48 35.84
N ARG B 223 -2.25 -2.45 35.10
CA ARG B 223 -2.58 -1.07 35.48
C ARG B 223 -4.07 -0.80 35.39
N ILE B 224 -4.77 -1.48 34.48
CA ILE B 224 -6.22 -1.29 34.38
C ILE B 224 -6.92 -1.94 35.56
N VAL B 225 -6.62 -3.21 35.84
CA VAL B 225 -7.25 -3.89 36.97
C VAL B 225 -6.83 -3.23 38.27
N ASP B 226 -5.59 -2.73 38.36
CA ASP B 226 -5.22 -1.91 39.52
C ASP B 226 -6.18 -0.74 39.66
N SER B 227 -6.50 -0.11 38.55
CA SER B 227 -7.41 1.02 38.58
C SER B 227 -8.82 0.57 38.93
N ILE B 228 -9.24 -0.61 38.45
CA ILE B 228 -10.59 -1.10 38.74
C ILE B 228 -10.76 -1.47 40.19
N ALA B 229 -9.86 -2.32 40.71
CA ALA B 229 -9.92 -2.67 42.11
C ALA B 229 -9.90 -1.41 42.95
N ALA B 230 -9.07 -0.44 42.55
CA ALA B 230 -9.00 0.82 43.27
C ALA B 230 -10.36 1.52 43.24
N PHE B 231 -10.99 1.59 42.07
CA PHE B 231 -12.27 2.27 41.95
C PHE B 231 -13.34 1.54 42.77
N LEU B 232 -13.30 0.22 42.79
CA LEU B 232 -14.31 -0.54 43.51
C LEU B 232 -14.24 -0.30 45.03
N LYS B 233 -13.05 0.01 45.53
CA LYS B 233 -12.88 0.23 46.96
C LYS B 233 -13.38 1.60 47.37
N SER B 234 -13.17 2.61 46.53
CA SER B 234 -13.73 3.93 46.79
C SER B 234 -15.26 3.87 46.83
N GLN B 235 -15.85 2.81 46.33
CA GLN B 235 -17.27 2.51 46.51
C GLN B 235 -17.42 1.28 47.41
N HIS C 8 38.27 -8.25 4.84
CA HIS C 8 37.05 -9.02 4.84
C HIS C 8 36.70 -9.35 6.25
N ASP C 9 36.67 -8.33 7.09
CA ASP C 9 36.39 -8.51 8.48
C ASP C 9 34.93 -8.55 8.84
N MET C 10 34.06 -8.10 7.96
CA MET C 10 32.64 -8.03 8.22
C MET C 10 32.00 -9.32 7.84
N ALA C 11 32.73 -10.40 7.96
CA ALA C 11 32.27 -11.74 7.65
C ALA C 11 31.22 -12.14 8.67
N GLY C 12 30.12 -12.71 8.19
CA GLY C 12 29.08 -13.13 9.11
C GLY C 12 28.27 -12.00 9.70
N VAL C 13 28.52 -10.77 9.25
CA VAL C 13 27.80 -9.60 9.73
C VAL C 13 26.59 -9.40 8.83
N LYS C 14 25.40 -9.27 9.43
CA LYS C 14 24.17 -8.99 8.71
C LYS C 14 23.86 -7.50 8.80
N ALA C 15 23.81 -6.82 7.65
CA ALA C 15 23.64 -5.38 7.56
C ALA C 15 22.34 -5.03 6.85
N LEU C 16 21.61 -4.06 7.41
CA LEU C 16 20.35 -3.59 6.84
C LEU C 16 20.46 -2.10 6.48
N VAL C 17 20.21 -1.78 5.20
CA VAL C 17 20.42 -0.45 4.64
C VAL C 17 19.16 0.02 3.93
N THR C 18 18.82 1.28 4.10
CA THR C 18 17.81 1.95 3.28
C THR C 18 18.47 3.08 2.50
N ALA C 19 17.99 3.33 1.27
CA ALA C 19 18.55 4.35 0.39
C ALA C 19 17.47 4.81 -0.56
N GLY C 20 17.66 6.02 -1.14
CA GLY C 20 16.67 6.60 -2.02
C GLY C 20 15.71 7.49 -1.26
N GLY C 21 14.71 8.00 -1.97
CA GLY C 21 13.62 8.78 -1.37
C GLY C 21 12.28 8.06 -1.47
N THR C 22 11.36 8.33 -0.54
CA THR C 22 10.06 7.70 -0.64
C THR C 22 9.12 8.56 -1.46
N ARG C 23 8.01 7.97 -1.87
CA ARG C 23 6.97 8.62 -2.66
C ARG C 23 5.65 8.39 -1.96
N GLU C 24 4.98 9.45 -1.57
CA GLU C 24 3.77 9.30 -0.79
C GLU C 24 2.55 9.49 -1.67
N PRO C 25 1.76 8.44 -1.94
CA PRO C 25 0.72 8.52 -2.96
C PRO C 25 -0.37 9.49 -2.58
N LEU C 26 -0.76 10.32 -3.54
CA LEU C 26 -1.92 11.17 -3.44
C LEU C 26 -3.14 10.53 -4.03
N ASP C 27 -2.93 9.83 -5.09
CA ASP C 27 -3.94 9.16 -5.87
C ASP C 27 -3.13 8.14 -6.66
N PRO C 28 -3.70 7.41 -7.63
CA PRO C 28 -2.91 6.37 -8.30
C PRO C 28 -1.75 6.88 -9.14
N VAL C 29 -1.71 8.18 -9.45
CA VAL C 29 -0.79 8.68 -10.45
C VAL C 29 0.15 9.74 -9.87
N ARG C 30 -0.32 10.48 -8.88
CA ARG C 30 0.46 11.53 -8.25
C ARG C 30 0.92 11.10 -6.87
N PHE C 31 1.98 11.77 -6.41
CA PHE C 31 2.63 11.41 -5.17
C PHE C 31 3.48 12.59 -4.73
N ILE C 32 3.95 12.53 -3.49
CA ILE C 32 4.96 13.46 -3.01
C ILE C 32 6.31 12.77 -2.94
N GLY C 33 7.32 13.39 -3.57
CA GLY C 33 8.66 12.83 -3.60
C GLY C 33 9.73 13.85 -3.22
N ASN C 34 10.95 13.37 -3.21
CA ASN C 34 12.09 14.20 -2.96
C ASN C 34 13.15 13.86 -4.01
N ARG C 35 14.18 14.67 -4.06
CA ARG C 35 15.19 14.55 -5.10
C ARG C 35 16.28 13.58 -4.69
N SER C 36 16.06 12.78 -3.64
CA SER C 36 17.13 11.94 -3.11
C SER C 36 17.53 10.86 -4.10
N SER C 37 18.84 10.78 -4.36
CA SER C 37 19.35 9.86 -5.36
C SER C 37 19.58 8.45 -4.82
N GLY C 38 19.78 8.28 -3.51
CA GLY C 38 20.18 7.01 -2.99
C GLY C 38 21.61 6.65 -3.28
N LYS C 39 22.34 7.48 -4.01
CA LYS C 39 23.66 7.08 -4.49
C LYS C 39 24.60 6.76 -3.34
N GLN C 40 24.65 7.63 -2.33
CA GLN C 40 25.59 7.37 -1.24
C GLN C 40 25.14 6.15 -0.44
N GLY C 41 23.83 5.94 -0.34
CA GLY C 41 23.32 4.78 0.40
C GLY C 41 23.70 3.47 -0.24
N TYR C 42 23.53 3.38 -1.55
CA TYR C 42 23.97 2.18 -2.25
C TYR C 42 25.47 1.96 -2.06
N ALA C 43 26.25 3.05 -2.06
CA ALA C 43 27.71 2.93 -1.97
C ALA C 43 28.13 2.30 -0.66
N VAL C 44 27.45 2.64 0.42
CA VAL C 44 27.74 2.02 1.70
C VAL C 44 27.38 0.53 1.67
N ALA C 45 26.21 0.19 1.12
CA ALA C 45 25.87 -1.21 0.98
C ALA C 45 26.92 -1.96 0.16
N ARG C 46 27.36 -1.35 -0.95
CA ARG C 46 28.39 -1.95 -1.80
C ARG C 46 29.65 -2.20 -1.01
N VAL C 47 30.13 -1.19 -0.28
CA VAL C 47 31.34 -1.36 0.52
C VAL C 47 31.12 -2.43 1.60
N LEU C 48 29.89 -2.55 2.10
CA LEU C 48 29.59 -3.55 3.12
C LEU C 48 29.67 -4.98 2.58
N ALA C 49 29.03 -5.25 1.45
CA ALA C 49 29.18 -6.56 0.82
C ALA C 49 30.62 -6.78 0.42
N GLN C 50 31.30 -5.71 0.06
CA GLN C 50 32.69 -5.74 -0.36
C GLN C 50 33.64 -6.15 0.75
N ARG C 51 33.20 -6.05 2.00
CA ARG C 51 34.00 -6.42 3.15
C ARG C 51 33.47 -7.65 3.88
N GLY C 52 32.58 -8.43 3.26
CA GLY C 52 32.19 -9.73 3.76
C GLY C 52 30.82 -9.82 4.41
N ALA C 53 30.09 -8.71 4.51
CA ALA C 53 28.79 -8.72 5.17
C ALA C 53 27.71 -9.29 4.27
N ASP C 54 26.67 -9.84 4.90
CA ASP C 54 25.45 -10.30 4.23
C ASP C 54 24.48 -9.12 4.21
N VAL C 55 24.48 -8.38 3.11
CA VAL C 55 23.80 -7.09 3.06
C VAL C 55 22.40 -7.25 2.51
N THR C 56 21.45 -6.58 3.17
CA THR C 56 20.09 -6.40 2.67
C THR C 56 19.87 -4.91 2.41
N LEU C 57 19.39 -4.55 1.23
CA LEU C 57 19.23 -3.15 0.83
C LEU C 57 17.77 -2.85 0.58
N ILE C 58 17.18 -1.97 1.38
CA ILE C 58 15.80 -1.53 1.16
C ILE C 58 15.85 -0.22 0.38
N ALA C 59 15.32 -0.23 -0.83
CA ALA C 59 15.50 0.88 -1.75
C ALA C 59 14.16 1.50 -2.14
N GLY C 60 14.05 2.81 -1.96
CA GLY C 60 12.92 3.52 -2.53
C GLY C 60 13.27 4.04 -3.91
N ASN C 61 13.02 5.32 -4.16
CA ASN C 61 13.32 5.92 -5.46
C ASN C 61 14.78 6.38 -5.52
N THR C 62 15.50 5.91 -6.53
CA THR C 62 16.91 6.28 -6.67
C THR C 62 17.16 6.83 -8.07
N ALA C 63 18.40 7.23 -8.31
CA ALA C 63 18.77 7.78 -9.60
C ALA C 63 18.87 6.72 -10.69
N GLY C 64 17.96 5.74 -10.69
CA GLY C 64 18.11 4.72 -11.71
C GLY C 64 19.25 3.77 -11.38
N LEU C 65 19.41 3.44 -10.11
CA LEU C 65 20.54 2.64 -9.69
C LEU C 65 20.22 1.16 -9.77
N ILE C 66 21.26 0.37 -10.02
CA ILE C 66 21.16 -1.06 -10.24
C ILE C 66 21.42 -1.78 -8.92
N ASP C 67 20.69 -2.86 -8.69
CA ASP C 67 20.84 -3.70 -7.51
C ASP C 67 22.26 -4.20 -7.36
N PRO C 68 22.92 -3.98 -6.22
CA PRO C 68 24.25 -4.56 -6.01
C PRO C 68 24.24 -6.08 -5.81
N ALA C 69 25.34 -6.70 -6.24
CA ALA C 69 25.56 -8.15 -6.14
C ALA C 69 25.90 -8.55 -4.71
N GLY C 70 25.47 -9.76 -4.34
CA GLY C 70 25.68 -10.21 -2.99
C GLY C 70 24.86 -9.42 -2.00
N VAL C 71 23.95 -8.61 -2.50
CA VAL C 71 23.11 -7.74 -1.71
C VAL C 71 21.67 -8.12 -1.98
N GLU C 72 20.97 -8.49 -0.94
CA GLU C 72 19.56 -8.81 -1.00
C GLU C 72 18.76 -7.54 -1.14
N MET C 73 18.01 -7.43 -2.23
CA MET C 73 17.31 -6.19 -2.56
C MET C 73 15.86 -6.27 -2.14
N VAL C 74 15.39 -5.21 -1.51
CA VAL C 74 13.98 -5.05 -1.17
C VAL C 74 13.56 -3.70 -1.71
N HIS C 75 12.61 -3.69 -2.62
CA HIS C 75 12.18 -2.43 -3.21
C HIS C 75 10.89 -2.01 -2.53
N ILE C 76 10.82 -0.73 -2.13
CA ILE C 76 9.66 -0.17 -1.46
C ILE C 76 9.28 1.14 -2.15
N GLY C 77 8.09 1.62 -1.81
CA GLY C 77 7.58 2.88 -2.34
C GLY C 77 7.44 3.99 -1.31
N SER C 78 6.47 3.90 -0.39
CA SER C 78 6.15 4.95 0.57
C SER C 78 6.97 4.81 1.86
N ALA C 79 6.86 5.81 2.72
CA ALA C 79 7.52 5.72 4.01
C ALA C 79 6.93 4.61 4.86
N THR C 80 5.64 4.34 4.71
CA THR C 80 5.02 3.28 5.49
C THR C 80 5.55 1.92 5.06
N GLN C 81 5.71 1.73 3.76
CA GLN C 81 6.22 0.46 3.27
C GLN C 81 7.66 0.25 3.68
N LEU C 82 8.46 1.33 3.69
CA LEU C 82 9.84 1.24 4.18
C LEU C 82 9.87 0.87 5.65
N ARG C 83 9.01 1.49 6.46
CA ARG C 83 8.95 1.14 7.87
C ARG C 83 8.64 -0.34 8.02
N ASP C 84 7.65 -0.84 7.28
CA ASP C 84 7.30 -2.25 7.35
C ASP C 84 8.48 -3.13 7.00
N ALA C 85 9.25 -2.73 5.99
CA ALA C 85 10.37 -3.54 5.57
C ALA C 85 11.48 -3.55 6.62
N VAL C 86 11.71 -2.42 7.29
CA VAL C 86 12.77 -2.38 8.29
C VAL C 86 12.42 -3.23 9.51
N SER C 87 11.17 -3.13 10.00
CA SER C 87 10.75 -3.97 11.12
C SER C 87 10.87 -5.45 10.82
N LYS C 88 10.65 -5.86 9.57
CA LYS C 88 10.71 -7.27 9.24
C LYS C 88 12.15 -7.78 9.33
N HIS C 89 13.10 -6.96 8.87
CA HIS C 89 14.50 -7.37 8.72
C HIS C 89 15.38 -6.93 9.88
N ALA C 90 14.91 -6.05 10.73
CA ALA C 90 15.76 -5.51 11.77
C ALA C 90 16.11 -6.51 12.87
N PRO C 91 15.21 -7.42 13.28
CA PRO C 91 15.61 -8.39 14.31
C PRO C 91 16.85 -9.19 13.95
N ASP C 92 17.11 -9.37 12.66
CA ASP C 92 18.25 -10.16 12.20
C ASP C 92 19.49 -9.34 11.94
N ALA C 93 19.37 -8.01 11.87
CA ALA C 93 20.50 -7.18 11.49
C ALA C 93 21.36 -6.86 12.70
N ASN C 94 22.67 -6.83 12.49
CA ASN C 94 23.57 -6.26 13.49
C ASN C 94 23.79 -4.77 13.29
N VAL C 95 23.56 -4.26 12.09
CA VAL C 95 23.79 -2.85 11.78
C VAL C 95 22.66 -2.32 10.91
N LEU C 96 22.20 -1.12 11.24
CA LEU C 96 21.17 -0.43 10.49
C LEU C 96 21.69 0.92 10.01
N VAL C 97 21.55 1.20 8.72
CA VAL C 97 22.01 2.47 8.15
C VAL C 97 20.83 3.15 7.48
N MET C 98 20.35 4.23 8.08
CA MET C 98 19.18 4.93 7.57
C MET C 98 19.66 6.01 6.62
N ALA C 99 20.00 5.59 5.41
CA ALA C 99 20.43 6.53 4.40
C ALA C 99 19.28 7.01 3.52
N ALA C 100 18.07 6.48 3.73
CA ALA C 100 16.93 6.89 2.93
C ALA C 100 16.45 8.26 3.38
N ALA C 101 16.00 9.07 2.41
CA ALA C 101 15.29 10.30 2.72
C ALA C 101 13.82 9.92 2.88
N VAL C 102 13.45 9.51 4.09
CA VAL C 102 12.11 9.03 4.39
C VAL C 102 11.19 10.24 4.54
N ALA C 103 10.03 10.19 3.90
CA ALA C 103 9.06 11.28 3.95
C ALA C 103 8.53 11.53 5.37
N ASP C 104 8.49 12.81 5.79
CA ASP C 104 7.99 13.21 7.12
C ASP C 104 6.46 13.19 7.21
N PHE C 105 5.75 13.40 6.09
CA PHE C 105 4.29 13.45 6.06
C PHE C 105 3.77 12.72 4.83
N ARG C 106 2.50 12.32 4.91
CA ARG C 106 1.78 11.68 3.82
C ARG C 106 0.38 12.32 3.73
N PRO C 107 -0.23 12.28 2.55
CA PRO C 107 -1.58 12.85 2.41
C PRO C 107 -2.57 12.20 3.36
N ALA C 108 -3.41 13.04 3.96
CA ALA C 108 -4.45 12.56 4.86
C ALA C 108 -5.46 11.68 4.13
N HIS C 109 -5.64 11.88 2.82
CA HIS C 109 -6.52 11.07 1.99
C HIS C 109 -5.84 10.63 0.71
N VAL C 110 -6.07 9.38 0.30
CA VAL C 110 -5.60 8.87 -0.98
C VAL C 110 -6.81 8.47 -1.82
N ALA C 111 -6.88 8.95 -3.04
CA ALA C 111 -7.91 8.53 -3.98
C ALA C 111 -7.53 7.31 -4.74
N ALA C 112 -8.48 6.44 -5.02
CA ALA C 112 -8.24 5.24 -5.76
C ALA C 112 -8.46 5.32 -7.22
N ALA C 113 -9.15 6.34 -7.67
CA ALA C 113 -9.24 6.57 -9.09
C ALA C 113 -8.81 8.01 -9.30
N GLU C 121 -12.49 23.71 -7.94
CA GLU C 121 -12.09 24.01 -6.57
C GLU C 121 -10.92 23.12 -6.09
N PRO C 122 -9.70 23.67 -6.16
CA PRO C 122 -8.52 22.92 -5.69
C PRO C 122 -8.38 22.90 -4.18
N SER C 123 -9.12 21.99 -3.54
CA SER C 123 -8.97 21.82 -2.11
C SER C 123 -7.50 21.50 -1.80
N SER C 124 -6.98 22.12 -0.75
CA SER C 124 -5.60 21.88 -0.40
C SER C 124 -5.45 20.48 0.20
N ILE C 125 -4.20 20.10 0.39
CA ILE C 125 -3.87 18.73 0.72
C ILE C 125 -3.49 18.63 2.19
N ASP C 126 -4.38 18.03 2.97
CA ASP C 126 -4.10 17.73 4.36
C ASP C 126 -3.07 16.61 4.46
N LEU C 127 -2.26 16.65 5.51
CA LEU C 127 -1.17 15.71 5.71
C LEU C 127 -1.28 15.02 7.07
N VAL C 128 -0.69 13.83 7.17
CA VAL C 128 -0.55 13.11 8.42
C VAL C 128 0.92 12.77 8.59
N ARG C 129 1.44 12.90 9.82
CA ARG C 129 2.86 12.66 10.02
C ARG C 129 3.16 11.19 9.88
N ASN C 130 4.26 10.89 9.20
CA ASN C 130 4.79 9.54 9.17
C ASN C 130 5.66 9.29 10.40
N ASP C 131 5.74 8.04 10.81
CA ASP C 131 6.56 7.68 11.95
C ASP C 131 8.05 7.78 11.61
N ASP C 132 8.84 8.12 12.63
CA ASP C 132 10.29 8.25 12.50
C ASP C 132 10.91 6.87 12.64
N VAL C 133 11.26 6.28 11.50
CA VAL C 133 11.75 4.90 11.47
C VAL C 133 13.10 4.80 12.15
N LEU C 134 13.98 5.77 11.93
CA LEU C 134 15.28 5.73 12.59
C LEU C 134 15.12 5.85 14.11
N ALA C 135 14.27 6.78 14.55
CA ALA C 135 14.03 6.93 15.98
C ALA C 135 13.44 5.67 16.59
N GLY C 136 12.46 5.05 15.91
CA GLY C 136 11.82 3.86 16.42
C GLY C 136 12.78 2.70 16.67
N ALA C 137 13.81 2.59 15.84
CA ALA C 137 14.82 1.55 16.00
C ALA C 137 15.73 1.80 17.21
N VAL C 138 16.14 3.06 17.42
CA VAL C 138 16.95 3.37 18.60
C VAL C 138 16.15 3.06 19.86
N ARG C 139 14.85 3.36 19.84
CA ARG C 139 14.02 3.10 21.01
C ARG C 139 13.89 1.60 21.24
N ALA C 140 13.62 0.84 20.17
CA ALA C 140 13.54 -0.60 20.30
C ALA C 140 14.83 -1.17 20.83
N ARG C 141 15.95 -0.66 20.35
CA ARG C 141 17.20 -1.18 20.89
C ARG C 141 17.34 -0.76 22.35
N ALA C 142 17.04 0.50 22.67
CA ALA C 142 17.11 0.92 24.05
C ALA C 142 16.11 0.18 24.93
N ASP C 143 15.06 -0.38 24.34
CA ASP C 143 14.08 -1.17 25.06
C ASP C 143 14.38 -2.67 25.00
N GLY C 144 15.56 -3.06 24.50
CA GLY C 144 15.96 -4.46 24.49
C GLY C 144 15.34 -5.35 23.44
N GLN C 145 14.75 -4.80 22.39
CA GLN C 145 14.10 -5.60 21.37
C GLN C 145 15.00 -5.93 20.19
N LEU C 146 16.17 -5.32 20.10
CA LEU C 146 17.13 -5.60 19.04
C LEU C 146 18.47 -5.99 19.64
N PRO C 147 18.53 -7.15 20.29
CA PRO C 147 19.77 -7.54 20.97
C PRO C 147 20.96 -7.68 20.05
N ASN C 148 20.74 -7.99 18.76
CA ASN C 148 21.85 -8.13 17.84
C ASN C 148 22.35 -6.79 17.29
N MET C 149 21.54 -5.72 17.38
CA MET C 149 21.83 -4.44 16.73
C MET C 149 22.96 -3.70 17.45
N ARG C 150 24.14 -3.66 16.85
CA ARG C 150 25.31 -3.06 17.48
C ARG C 150 25.60 -1.66 16.97
N ALA C 151 25.02 -1.25 15.85
CA ALA C 151 25.29 0.05 15.29
C ALA C 151 24.05 0.55 14.57
N ILE C 152 23.62 1.77 14.92
CA ILE C 152 22.53 2.46 14.26
C ILE C 152 23.06 3.76 13.70
N VAL C 153 22.95 3.92 12.38
CA VAL C 153 23.52 5.05 11.65
C VAL C 153 22.40 5.78 10.96
N GLY C 154 22.34 7.09 11.14
CA GLY C 154 21.38 7.92 10.44
C GLY C 154 22.10 8.82 9.45
N PHE C 155 21.32 9.40 8.54
CA PHE C 155 21.84 10.36 7.60
C PHE C 155 21.14 11.71 7.74
N ALA C 156 21.87 12.77 7.44
CA ALA C 156 21.27 14.09 7.50
C ALA C 156 21.97 15.01 6.51
N ALA C 157 21.17 15.84 5.84
CA ALA C 157 21.65 16.97 5.05
C ALA C 157 21.16 18.23 5.75
N GLU C 158 22.07 19.03 6.32
CA GLU C 158 21.73 20.16 7.19
C GLU C 158 22.19 21.50 6.60
N THR C 159 21.55 22.58 7.09
CA THR C 159 21.86 23.96 6.73
C THR C 159 21.86 24.86 7.96
N GLY C 160 22.66 25.95 7.87
CA GLY C 160 22.55 27.04 8.80
C GLY C 160 21.46 28.01 8.40
N ASP C 161 20.98 28.75 9.38
CA ASP C 161 19.85 29.62 9.15
C ASP C 161 19.82 30.62 10.31
N ALA C 162 18.67 31.31 10.42
CA ALA C 162 18.51 32.24 11.51
C ALA C 162 18.44 31.53 12.85
N ASN C 163 18.09 30.24 12.87
CA ASN C 163 17.93 29.47 14.09
C ASN C 163 19.19 28.76 14.53
N GLY C 164 20.25 28.84 13.74
CA GLY C 164 21.50 28.23 14.13
C GLY C 164 22.27 27.78 12.92
N ASP C 165 23.55 27.54 13.15
CA ASP C 165 24.52 27.09 12.16
C ASP C 165 24.34 25.60 11.89
N VAL C 166 24.87 25.15 10.75
CA VAL C 166 24.76 23.75 10.34
C VAL C 166 25.14 22.82 11.49
N LEU C 167 26.29 23.08 12.12
CA LEU C 167 26.80 22.19 13.15
C LEU C 167 25.85 22.14 14.33
N PHE C 168 25.29 23.29 14.69
CA PHE C 168 24.30 23.35 15.73
C PHE C 168 23.12 22.44 15.39
N HIS C 169 22.56 22.59 14.18
CA HIS C 169 21.43 21.75 13.77
C HIS C 169 21.84 20.28 13.68
N ALA C 170 23.03 20.02 13.14
CA ALA C 170 23.48 18.65 12.97
C ALA C 170 23.67 17.98 14.31
N ARG C 171 24.33 18.68 15.24
CA ARG C 171 24.46 18.15 16.59
C ARG C 171 23.09 18.01 17.23
N ALA C 172 22.21 18.97 16.95
CA ALA C 172 20.84 18.88 17.45
C ALA C 172 20.16 17.62 16.95
N LYS C 173 20.42 17.24 15.70
CA LYS C 173 19.79 16.06 15.14
C LYS C 173 20.37 14.78 15.71
N LEU C 174 21.67 14.76 15.99
CA LEU C 174 22.26 13.56 16.58
C LEU C 174 21.62 13.27 17.95
N GLU C 175 21.46 14.31 18.78
CA GLU C 175 20.90 14.14 20.11
C GLU C 175 19.42 13.77 20.08
N ARG C 176 18.66 14.38 19.15
CA ARG C 176 17.24 14.11 19.05
C ARG C 176 16.98 12.72 18.50
N LYS C 177 17.87 12.23 17.65
CA LYS C 177 17.70 10.92 17.05
C LYS C 177 18.17 9.78 17.97
N GLY C 178 19.31 9.94 18.63
CA GLY C 178 19.83 8.89 19.49
C GLY C 178 20.54 7.73 18.82
N CYS C 179 21.00 7.90 17.56
CA CYS C 179 21.75 6.86 16.86
C CYS C 179 23.23 6.88 17.27
N ASP C 180 23.96 5.86 16.83
CA ASP C 180 25.35 5.76 17.22
C ASP C 180 26.21 6.69 16.38
N LEU C 181 25.84 6.85 15.12
CA LEU C 181 26.53 7.73 14.20
C LEU C 181 25.52 8.48 13.35
N LEU C 182 25.81 9.74 13.09
CA LEU C 182 25.01 10.52 12.17
C LEU C 182 25.95 10.98 11.07
N VAL C 183 25.61 10.62 9.84
CA VAL C 183 26.38 11.02 8.67
C VAL C 183 25.74 12.29 8.15
N VAL C 184 26.47 13.39 8.30
CA VAL C 184 25.94 14.72 8.06
C VAL C 184 26.59 15.30 6.81
N ASN C 185 25.77 15.77 5.89
CA ASN C 185 26.18 16.45 4.69
C ASN C 185 25.97 17.96 4.86
N ALA C 186 26.67 18.75 4.05
CA ALA C 186 26.56 20.20 4.16
C ALA C 186 26.46 20.90 2.80
N ASP C 199 31.22 18.95 1.65
CA ASP C 199 31.81 18.23 2.76
C ASP C 199 30.74 17.92 3.84
N GLY C 200 31.17 17.65 5.07
CA GLY C 200 30.24 17.32 6.14
C GLY C 200 30.98 16.66 7.29
N TRP C 201 30.22 15.92 8.11
CA TRP C 201 30.77 15.34 9.33
C TRP C 201 30.17 13.98 9.66
N LEU C 202 30.97 13.23 10.43
CA LEU C 202 30.58 11.99 11.06
C LEU C 202 30.49 12.26 12.55
N LEU C 203 29.28 12.29 13.07
CA LEU C 203 29.06 12.56 14.47
C LEU C 203 28.77 11.24 15.13
N SER C 204 29.53 10.92 16.17
CA SER C 204 29.42 9.67 16.89
C SER C 204 28.58 9.91 18.12
N ALA C 205 27.96 8.84 18.62
CA ALA C 205 27.21 8.98 19.85
C ALA C 205 28.10 9.17 21.07
N ASP C 206 29.38 8.85 20.97
CA ASP C 206 30.23 9.12 22.12
C ASP C 206 30.66 10.57 22.16
N GLY C 207 30.19 11.37 21.22
CA GLY C 207 30.56 12.75 21.12
C GLY C 207 31.70 13.01 20.18
N THR C 208 32.17 12.01 19.46
CA THR C 208 33.22 12.21 18.49
C THR C 208 32.64 12.79 17.21
N GLU C 209 33.34 13.77 16.67
CA GLU C 209 32.94 14.45 15.45
C GLU C 209 34.15 14.37 14.53
N SER C 210 33.92 14.05 13.26
CA SER C 210 34.99 14.07 12.27
C SER C 210 34.47 14.81 11.06
N ALA C 211 35.38 15.34 10.26
CA ALA C 211 34.92 16.02 9.06
C ALA C 211 35.02 15.05 7.92
N LEU C 212 34.16 15.23 6.93
CA LEU C 212 34.20 14.38 5.75
C LEU C 212 34.80 15.16 4.60
N GLU C 213 36.00 14.77 4.19
CA GLU C 213 36.60 15.38 3.02
C GLU C 213 35.76 14.95 1.84
N HIS C 214 35.48 15.88 0.94
CA HIS C 214 34.70 15.52 -0.23
C HIS C 214 35.43 14.45 -1.03
N GLY C 215 34.69 13.80 -1.91
CA GLY C 215 35.30 12.84 -2.81
C GLY C 215 34.23 11.97 -3.45
N SER C 216 34.67 10.84 -3.99
CA SER C 216 33.72 9.88 -4.52
C SER C 216 32.84 9.38 -3.40
N LYS C 217 31.64 8.93 -3.78
CA LYS C 217 30.76 8.33 -2.80
C LYS C 217 31.41 7.10 -2.15
N THR C 218 32.21 6.36 -2.91
CA THR C 218 32.84 5.16 -2.39
C THR C 218 33.84 5.47 -1.28
N LEU C 219 34.73 6.44 -1.49
CA LEU C 219 35.72 6.72 -0.46
C LEU C 219 35.03 7.30 0.76
N MET C 220 34.00 8.12 0.55
CA MET C 220 33.20 8.59 1.68
C MET C 220 32.45 7.42 2.30
N ALA C 221 31.90 6.54 1.45
CA ALA C 221 31.28 5.32 1.98
C ALA C 221 32.28 4.49 2.74
N THR C 222 33.57 4.60 2.39
CA THR C 222 34.60 3.87 3.12
C THR C 222 34.84 4.46 4.49
N ARG C 223 34.89 5.80 4.59
CA ARG C 223 35.07 6.40 5.90
C ARG C 223 33.85 6.10 6.79
N ILE C 224 32.68 5.94 6.18
CA ILE C 224 31.48 5.61 6.93
C ILE C 224 31.54 4.19 7.44
N VAL C 225 31.86 3.26 6.55
CA VAL C 225 31.94 1.85 6.94
C VAL C 225 33.07 1.62 7.94
N ASP C 226 34.18 2.37 7.78
CA ASP C 226 35.24 2.32 8.77
C ASP C 226 34.76 2.77 10.16
N SER C 227 33.96 3.84 10.22
CA SER C 227 33.48 4.31 11.53
C SER C 227 32.51 3.31 12.16
N ILE C 228 31.70 2.66 11.34
CA ILE C 228 30.75 1.69 11.86
C ILE C 228 31.49 0.54 12.51
N ALA C 229 32.51 0.02 11.81
CA ALA C 229 33.34 -1.08 12.31
C ALA C 229 33.88 -0.78 13.70
N ALA C 230 34.25 0.46 13.97
CA ALA C 230 34.69 0.79 15.30
C ALA C 230 33.62 0.45 16.32
N PHE C 231 32.37 0.82 16.02
CA PHE C 231 31.29 0.61 16.98
C PHE C 231 31.11 -0.86 17.30
N LEU C 232 31.22 -1.71 16.29
CA LEU C 232 31.06 -3.13 16.54
C LEU C 232 32.19 -3.67 17.40
N LYS C 233 33.41 -3.16 17.21
CA LYS C 233 34.55 -3.65 17.99
C LYS C 233 34.66 -2.96 19.34
N SER C 234 34.55 -1.65 19.33
CA SER C 234 34.55 -0.88 20.55
C SER C 234 33.31 -1.21 21.35
N HIS D 7 8.90 4.73 -44.97
CA HIS D 7 9.26 5.94 -45.69
C HIS D 7 9.72 7.07 -44.77
N HIS D 8 9.91 8.24 -45.36
CA HIS D 8 10.23 9.50 -44.67
C HIS D 8 9.12 10.47 -44.99
N ASP D 9 7.92 10.14 -44.52
CA ASP D 9 6.73 10.91 -44.84
C ASP D 9 6.69 12.23 -44.09
N MET D 10 7.39 12.35 -42.96
CA MET D 10 7.43 13.60 -42.21
C MET D 10 8.59 14.48 -42.65
N ALA D 11 9.09 14.30 -43.85
CA ALA D 11 10.20 15.11 -44.32
C ALA D 11 9.80 16.58 -44.37
N GLY D 12 10.69 17.43 -43.86
CA GLY D 12 10.49 18.87 -43.85
C GLY D 12 9.52 19.40 -42.82
N VAL D 13 8.96 18.55 -41.95
CA VAL D 13 8.07 19.01 -40.89
C VAL D 13 8.87 19.20 -39.61
N LYS D 14 8.67 20.33 -38.96
CA LYS D 14 9.26 20.60 -37.66
C LYS D 14 8.22 20.30 -36.59
N ALA D 15 8.53 19.34 -35.72
CA ALA D 15 7.57 18.92 -34.70
C ALA D 15 8.16 19.23 -33.33
N LEU D 16 7.30 19.72 -32.45
CA LEU D 16 7.70 20.03 -31.08
C LEU D 16 6.89 19.12 -30.17
N VAL D 17 7.59 18.33 -29.35
CA VAL D 17 6.98 17.29 -28.55
C VAL D 17 7.33 17.48 -27.08
N THR D 18 6.34 17.22 -26.22
CA THR D 18 6.51 17.16 -24.79
C THR D 18 6.23 15.75 -24.31
N ALA D 19 7.01 15.32 -23.33
CA ALA D 19 6.89 13.98 -22.80
C ALA D 19 7.39 14.02 -21.37
N GLY D 20 6.94 13.04 -20.60
CA GLY D 20 7.31 12.96 -19.21
C GLY D 20 6.34 13.68 -18.29
N GLY D 21 6.63 13.60 -17.00
CA GLY D 21 5.85 14.27 -15.97
C GLY D 21 6.63 15.43 -15.36
N THR D 22 5.90 16.43 -14.89
CA THR D 22 6.53 17.56 -14.24
C THR D 22 6.68 17.32 -12.73
N ARG D 23 7.49 18.15 -12.10
CA ARG D 23 7.69 18.13 -10.66
C ARG D 23 7.48 19.53 -10.15
N GLU D 24 6.50 19.70 -9.26
CA GLU D 24 6.11 21.02 -8.77
C GLU D 24 6.72 21.26 -7.41
N PRO D 25 7.71 22.14 -7.31
CA PRO D 25 8.49 22.23 -6.07
C PRO D 25 7.67 22.72 -4.88
N LEU D 26 7.87 22.07 -3.75
CA LEU D 26 7.41 22.53 -2.48
C LEU D 26 8.48 23.32 -1.76
N ASP D 27 9.70 22.93 -1.99
CA ASP D 27 10.90 23.50 -1.45
C ASP D 27 12.01 23.01 -2.38
N PRO D 28 13.30 23.21 -2.08
CA PRO D 28 14.31 22.80 -3.06
C PRO D 28 14.42 21.30 -3.31
N VAL D 29 13.95 20.46 -2.39
CA VAL D 29 14.18 19.02 -2.48
C VAL D 29 12.90 18.21 -2.55
N ARG D 30 11.79 18.74 -2.06
CA ARG D 30 10.52 18.04 -2.10
C ARG D 30 9.70 18.62 -3.23
N PHE D 31 8.76 17.82 -3.74
CA PHE D 31 7.99 18.24 -4.90
C PHE D 31 6.76 17.34 -5.02
N ILE D 32 5.83 17.76 -5.88
CA ILE D 32 4.72 16.92 -6.32
C ILE D 32 5.07 16.36 -7.68
N GLY D 33 5.03 15.05 -7.82
CA GLY D 33 5.35 14.39 -9.06
C GLY D 33 4.23 13.47 -9.48
N ASN D 34 4.42 12.87 -10.64
CA ASN D 34 3.48 11.88 -11.10
C ASN D 34 4.26 10.73 -11.73
N ARG D 35 3.56 9.63 -12.02
CA ARG D 35 4.24 8.41 -12.44
C ARG D 35 4.39 8.29 -13.95
N SER D 36 4.15 9.36 -14.70
CA SER D 36 4.35 9.29 -16.15
C SER D 36 5.78 8.88 -16.44
N SER D 37 5.92 7.85 -17.29
CA SER D 37 7.22 7.36 -17.67
C SER D 37 7.84 8.21 -18.77
N GLY D 38 7.02 8.92 -19.54
CA GLY D 38 7.52 9.62 -20.69
C GLY D 38 7.83 8.72 -21.86
N LYS D 39 7.72 7.40 -21.70
CA LYS D 39 8.08 6.47 -22.74
C LYS D 39 7.19 6.65 -23.96
N GLN D 40 5.90 6.93 -23.74
CA GLN D 40 5.01 7.12 -24.87
C GLN D 40 5.37 8.36 -25.65
N GLY D 41 5.76 9.44 -24.97
CA GLY D 41 6.15 10.64 -25.68
C GLY D 41 7.42 10.46 -26.50
N TYR D 42 8.44 9.86 -25.88
CA TYR D 42 9.70 9.64 -26.59
C TYR D 42 9.50 8.83 -27.87
N ALA D 43 8.64 7.82 -27.83
CA ALA D 43 8.45 6.96 -28.99
C ALA D 43 7.90 7.76 -30.18
N VAL D 44 6.98 8.68 -29.93
CA VAL D 44 6.46 9.48 -31.04
C VAL D 44 7.55 10.40 -31.60
N ALA D 45 8.31 11.04 -30.71
CA ALA D 45 9.41 11.87 -31.18
C ALA D 45 10.36 11.03 -32.00
N ARG D 46 10.69 9.85 -31.50
CA ARG D 46 11.58 8.95 -32.21
C ARG D 46 10.98 8.59 -33.56
N VAL D 47 9.70 8.19 -33.58
CA VAL D 47 9.03 7.84 -34.83
C VAL D 47 8.95 9.04 -35.77
N LEU D 48 8.78 10.23 -35.20
CA LEU D 48 8.74 11.43 -36.03
C LEU D 48 10.11 11.70 -36.66
N ALA D 49 11.17 11.72 -35.84
CA ALA D 49 12.51 11.91 -36.38
C ALA D 49 12.86 10.79 -37.35
N GLN D 50 12.41 9.57 -37.04
CA GLN D 50 12.68 8.43 -37.89
C GLN D 50 12.02 8.53 -39.26
N ARG D 51 10.98 9.36 -39.41
CA ARG D 51 10.29 9.52 -40.67
C ARG D 51 10.52 10.88 -41.30
N GLY D 52 11.57 11.59 -40.90
CA GLY D 52 12.00 12.79 -41.59
C GLY D 52 11.70 14.10 -40.90
N ALA D 53 11.07 14.07 -39.73
CA ALA D 53 10.70 15.31 -39.08
C ALA D 53 11.91 15.95 -38.38
N ASP D 54 11.86 17.29 -38.28
CA ASP D 54 12.81 18.09 -37.52
C ASP D 54 12.23 18.19 -36.11
N VAL D 55 12.59 17.24 -35.26
CA VAL D 55 11.95 17.06 -33.97
C VAL D 55 12.76 17.75 -32.89
N THR D 56 12.06 18.54 -32.06
CA THR D 56 12.54 19.05 -30.79
C THR D 56 11.66 18.45 -29.71
N LEU D 57 12.28 17.89 -28.67
CA LEU D 57 11.60 17.14 -27.61
C LEU D 57 11.77 17.87 -26.29
N ILE D 58 10.68 18.33 -25.72
CA ILE D 58 10.73 18.90 -24.39
C ILE D 58 10.36 17.79 -23.41
N ALA D 59 11.30 17.46 -22.52
CA ALA D 59 11.23 16.29 -21.65
C ALA D 59 11.25 16.71 -20.18
N GLY D 60 10.29 16.20 -19.40
CA GLY D 60 10.25 16.41 -17.96
C GLY D 60 11.04 15.40 -17.13
N ASN D 61 10.39 14.74 -16.18
CA ASN D 61 11.08 13.80 -15.28
C ASN D 61 11.36 12.48 -16.00
N THR D 62 12.36 12.51 -16.89
CA THR D 62 12.79 11.33 -17.63
C THR D 62 14.33 11.25 -17.70
N ALA D 63 15.01 11.40 -16.56
CA ALA D 63 16.48 11.32 -16.66
C ALA D 63 16.96 9.88 -16.84
N GLY D 64 16.05 8.90 -16.80
CA GLY D 64 16.38 7.51 -16.99
C GLY D 64 16.22 7.03 -18.41
N LEU D 65 15.65 7.88 -19.26
CA LEU D 65 15.46 7.61 -20.67
C LEU D 65 16.57 8.18 -21.53
N ILE D 66 16.72 7.58 -22.68
CA ILE D 66 17.75 7.92 -23.62
C ILE D 66 17.19 8.90 -24.64
N ASP D 67 18.00 9.91 -24.97
CA ASP D 67 17.61 10.90 -25.97
C ASP D 67 17.35 10.20 -27.31
N PRO D 68 16.20 10.43 -27.95
CA PRO D 68 15.99 9.83 -29.27
C PRO D 68 16.96 10.43 -30.29
N ALA D 69 17.42 9.59 -31.21
CA ALA D 69 18.39 10.04 -32.20
C ALA D 69 17.71 10.93 -33.24
N GLY D 70 18.44 11.95 -33.69
CA GLY D 70 17.93 12.98 -34.59
C GLY D 70 17.02 13.99 -33.93
N VAL D 71 16.99 14.03 -32.60
CA VAL D 71 16.05 14.83 -31.85
C VAL D 71 16.83 15.83 -30.99
N GLU D 72 16.50 17.12 -31.14
CA GLU D 72 17.03 18.20 -30.30
C GLU D 72 16.33 18.16 -28.94
N MET D 73 17.08 18.05 -27.87
CA MET D 73 16.49 17.84 -26.57
C MET D 73 16.40 19.16 -25.79
N VAL D 74 15.26 19.38 -25.15
CA VAL D 74 15.06 20.49 -24.24
C VAL D 74 14.52 19.93 -22.94
N HIS D 75 15.20 20.22 -21.83
CA HIS D 75 14.88 19.67 -20.51
C HIS D 75 14.26 20.69 -19.55
N ILE D 76 13.20 20.28 -18.84
CA ILE D 76 12.52 21.13 -17.85
C ILE D 76 12.25 20.34 -16.57
N GLY D 77 11.82 21.07 -15.53
CA GLY D 77 11.45 20.51 -14.25
C GLY D 77 9.98 20.70 -13.94
N SER D 78 9.56 21.93 -13.66
CA SER D 78 8.20 22.16 -13.23
C SER D 78 7.32 22.43 -14.43
N ALA D 79 6.01 22.45 -14.18
CA ALA D 79 5.06 22.74 -15.25
C ALA D 79 5.20 24.15 -15.78
N THR D 80 5.58 25.12 -14.92
CA THR D 80 5.76 26.47 -15.42
C THR D 80 6.99 26.57 -16.32
N GLN D 81 8.08 25.88 -15.95
CA GLN D 81 9.26 25.86 -16.82
C GLN D 81 8.91 25.23 -18.14
N LEU D 82 8.03 24.23 -18.12
CA LEU D 82 7.52 23.63 -19.34
C LEU D 82 6.76 24.65 -20.18
N ARG D 83 5.90 25.46 -19.55
CA ARG D 83 5.15 26.47 -20.31
C ARG D 83 6.08 27.46 -21.01
N ASP D 84 7.06 27.99 -20.27
CA ASP D 84 8.03 28.95 -20.83
C ASP D 84 8.81 28.33 -21.98
N ALA D 85 9.13 27.05 -21.85
CA ALA D 85 9.87 26.35 -22.89
C ALA D 85 9.05 26.15 -24.15
N VAL D 86 7.73 25.94 -24.00
CA VAL D 86 6.87 25.80 -25.16
C VAL D 86 6.72 27.14 -25.87
N SER D 87 6.51 28.22 -25.11
CA SER D 87 6.40 29.55 -25.72
C SER D 87 7.64 29.88 -26.52
N LYS D 88 8.80 29.40 -26.09
CA LYS D 88 10.04 29.69 -26.79
C LYS D 88 10.16 28.90 -28.09
N HIS D 89 9.76 27.62 -28.10
CA HIS D 89 10.01 26.74 -29.24
C HIS D 89 8.82 26.55 -30.18
N ALA D 90 7.66 27.00 -29.79
CA ALA D 90 6.49 26.77 -30.63
C ALA D 90 6.52 27.56 -31.95
N PRO D 91 7.09 28.78 -32.00
CA PRO D 91 7.16 29.51 -33.29
C PRO D 91 7.84 28.77 -34.43
N ASP D 92 8.73 27.81 -34.15
CA ASP D 92 9.41 27.07 -35.19
C ASP D 92 8.66 25.83 -35.66
N ALA D 93 7.67 25.38 -34.89
CA ALA D 93 7.06 24.07 -35.11
C ALA D 93 5.93 24.13 -36.12
N ASN D 94 5.81 23.06 -36.91
CA ASN D 94 4.62 22.82 -37.69
C ASN D 94 3.64 21.92 -36.96
N VAL D 95 4.12 21.12 -36.02
CA VAL D 95 3.27 20.18 -35.30
C VAL D 95 3.63 20.25 -33.84
N LEU D 96 2.59 20.31 -32.99
CA LEU D 96 2.75 20.30 -31.56
C LEU D 96 2.00 19.10 -30.98
N VAL D 97 2.73 18.29 -30.22
CA VAL D 97 2.19 17.07 -29.64
C VAL D 97 2.36 17.16 -28.13
N MET D 98 1.25 17.29 -27.41
CA MET D 98 1.36 17.48 -25.96
C MET D 98 1.21 16.14 -25.26
N ALA D 99 2.28 15.36 -25.26
CA ALA D 99 2.25 14.06 -24.62
C ALA D 99 2.71 14.08 -23.18
N ALA D 100 3.21 15.22 -22.70
CA ALA D 100 3.68 15.27 -21.33
C ALA D 100 2.50 15.18 -20.38
N ALA D 101 2.73 14.54 -19.23
CA ALA D 101 1.79 14.54 -18.12
C ALA D 101 2.06 15.79 -17.30
N VAL D 102 1.41 16.88 -17.69
CA VAL D 102 1.61 18.17 -17.06
C VAL D 102 0.84 18.23 -15.75
N ALA D 103 1.53 18.64 -14.69
CA ALA D 103 0.90 18.76 -13.39
C ALA D 103 -0.21 19.79 -13.44
N ASP D 104 -1.37 19.43 -12.92
CA ASP D 104 -2.53 20.32 -13.00
C ASP D 104 -2.41 21.46 -11.97
N PHE D 105 -1.75 21.23 -10.83
CA PHE D 105 -1.60 22.23 -9.77
C PHE D 105 -0.18 22.17 -9.20
N ARG D 106 0.24 23.24 -8.53
CA ARG D 106 1.54 23.31 -7.88
C ARG D 106 1.37 23.95 -6.52
N PRO D 107 2.31 23.74 -5.59
CA PRO D 107 2.23 24.46 -4.31
C PRO D 107 2.24 25.96 -4.58
N ALA D 108 1.27 26.66 -3.99
CA ALA D 108 1.14 28.09 -4.21
C ALA D 108 2.37 28.83 -3.71
N HIS D 109 3.01 28.28 -2.70
CA HIS D 109 4.21 28.86 -2.16
C HIS D 109 5.28 27.79 -2.18
N VAL D 110 6.48 28.19 -2.55
CA VAL D 110 7.62 27.32 -2.51
C VAL D 110 8.49 27.92 -1.43
N ALA D 111 8.80 27.11 -0.43
CA ALA D 111 9.68 27.62 0.59
C ALA D 111 11.06 27.79 -0.01
N ALA D 112 11.69 28.92 0.27
CA ALA D 112 13.05 29.09 -0.19
C ALA D 112 14.00 28.16 0.53
N ALA D 113 13.55 27.52 1.61
CA ALA D 113 14.29 26.50 2.33
C ALA D 113 13.45 25.23 2.41
N LYS D 114 14.09 24.14 2.81
CA LYS D 114 13.39 22.88 3.03
C LYS D 114 12.61 22.93 4.33
N ILE D 115 11.53 22.15 4.40
CA ILE D 115 10.64 22.17 5.54
C ILE D 115 10.96 21.09 6.58
N SER D 123 -0.25 20.42 8.99
CA SER D 123 -0.10 21.50 8.02
C SER D 123 -0.37 21.02 6.58
N SER D 124 -1.42 21.54 5.96
CA SER D 124 -1.79 21.20 4.59
C SER D 124 -0.96 21.97 3.57
N ILE D 125 -1.13 21.60 2.30
CA ILE D 125 -0.42 22.21 1.18
C ILE D 125 -1.43 22.98 0.35
N ASP D 126 -1.39 24.31 0.40
CA ASP D 126 -2.27 25.10 -0.45
C ASP D 126 -1.84 24.98 -1.90
N LEU D 127 -2.82 24.99 -2.80
CA LEU D 127 -2.54 24.80 -4.20
C LEU D 127 -3.04 25.93 -5.07
N VAL D 128 -2.27 26.15 -6.13
CA VAL D 128 -2.58 27.06 -7.22
C VAL D 128 -2.43 26.31 -8.54
N ARG D 129 -3.32 26.59 -9.48
CA ARG D 129 -3.32 25.89 -10.75
C ARG D 129 -2.20 26.37 -11.66
N ASN D 130 -1.59 25.42 -12.34
CA ASN D 130 -0.62 25.76 -13.37
C ASN D 130 -1.36 26.17 -14.63
N ASP D 131 -0.68 26.95 -15.47
CA ASP D 131 -1.26 27.38 -16.72
C ASP D 131 -1.44 26.18 -17.62
N ASP D 132 -2.53 26.17 -18.40
CA ASP D 132 -2.81 25.09 -19.35
C ASP D 132 -2.06 25.38 -20.65
N VAL D 133 -0.94 24.69 -20.85
CA VAL D 133 -0.09 24.99 -22.00
C VAL D 133 -0.80 24.64 -23.31
N LEU D 134 -1.50 23.50 -23.35
CA LEU D 134 -2.14 23.05 -24.58
C LEU D 134 -3.27 23.98 -25.00
N ALA D 135 -4.12 24.41 -24.07
CA ALA D 135 -5.12 25.41 -24.42
C ALA D 135 -4.44 26.69 -24.89
N GLY D 136 -3.47 27.16 -24.11
CA GLY D 136 -2.78 28.40 -24.43
C GLY D 136 -2.09 28.38 -25.76
N ALA D 137 -1.61 27.22 -26.17
CA ALA D 137 -1.08 27.12 -27.51
C ALA D 137 -2.21 27.17 -28.52
N VAL D 138 -3.33 26.54 -28.21
CA VAL D 138 -4.46 26.58 -29.09
C VAL D 138 -4.91 28.04 -29.22
N ARG D 139 -5.05 28.74 -28.13
CA ARG D 139 -5.40 30.16 -28.15
C ARG D 139 -4.46 31.01 -28.98
N ALA D 140 -3.17 30.85 -28.77
CA ALA D 140 -2.21 31.56 -29.57
C ALA D 140 -2.40 31.24 -31.03
N ARG D 141 -2.74 30.01 -31.35
CA ARG D 141 -2.94 29.76 -32.76
C ARG D 141 -4.16 30.48 -33.29
N ALA D 142 -5.25 30.46 -32.53
CA ALA D 142 -6.47 31.11 -32.99
C ALA D 142 -6.30 32.62 -33.15
N ASP D 143 -5.30 33.22 -32.51
CA ASP D 143 -5.05 34.65 -32.60
C ASP D 143 -4.02 35.05 -33.65
N GLY D 144 -3.62 34.13 -34.52
CA GLY D 144 -2.63 34.50 -35.52
C GLY D 144 -1.21 34.63 -35.00
N GLN D 145 -0.93 34.13 -33.79
CA GLN D 145 0.42 34.20 -33.26
C GLN D 145 1.24 32.96 -33.60
N LEU D 146 0.63 31.90 -34.10
CA LEU D 146 1.35 30.69 -34.48
C LEU D 146 1.05 30.32 -35.93
N PRO D 147 1.49 31.15 -36.88
CA PRO D 147 1.18 30.88 -38.30
C PRO D 147 1.79 29.60 -38.84
N ASN D 148 2.90 29.11 -38.27
CA ASN D 148 3.52 27.89 -38.77
C ASN D 148 2.79 26.63 -38.30
N MET D 149 1.98 26.75 -37.26
CA MET D 149 1.34 25.61 -36.62
C MET D 149 0.24 25.05 -37.50
N ARG D 150 0.41 23.82 -37.99
CA ARG D 150 -0.59 23.18 -38.82
C ARG D 150 -1.40 22.13 -38.07
N ALA D 151 -0.92 21.64 -36.92
CA ALA D 151 -1.60 20.61 -36.16
C ALA D 151 -1.23 20.73 -34.69
N ILE D 152 -2.24 20.66 -33.81
CA ILE D 152 -2.02 20.64 -32.36
C ILE D 152 -2.64 19.38 -31.79
N VAL D 153 -1.83 18.59 -31.06
CA VAL D 153 -2.24 17.28 -30.57
C VAL D 153 -2.20 17.23 -29.07
N GLY D 154 -3.30 16.80 -28.48
CA GLY D 154 -3.30 16.64 -27.05
C GLY D 154 -3.33 15.18 -26.67
N PHE D 155 -2.99 14.91 -25.42
CA PHE D 155 -3.05 13.57 -24.86
C PHE D 155 -4.02 13.60 -23.72
N ALA D 156 -4.70 12.49 -23.48
CA ALA D 156 -5.60 12.48 -22.35
C ALA D 156 -5.71 11.05 -21.83
N ALA D 157 -5.76 10.93 -20.52
CA ALA D 157 -6.08 9.69 -19.84
C ALA D 157 -7.43 9.86 -19.13
N GLU D 158 -8.44 9.13 -19.60
CA GLU D 158 -9.79 9.19 -19.08
C GLU D 158 -10.22 7.79 -18.61
N THR D 159 -11.26 7.75 -17.79
CA THR D 159 -11.68 6.51 -17.15
C THR D 159 -13.19 6.44 -17.02
N GLY D 160 -13.67 5.25 -16.67
CA GLY D 160 -15.08 5.08 -16.37
C GLY D 160 -15.49 5.90 -15.17
N ASP D 161 -16.72 6.40 -15.19
CA ASP D 161 -17.07 7.43 -14.24
C ASP D 161 -18.58 7.45 -14.06
N ALA D 162 -19.01 7.99 -12.91
CA ALA D 162 -20.42 8.24 -12.65
C ALA D 162 -20.97 9.39 -13.49
N ASN D 163 -20.09 10.19 -14.11
CA ASN D 163 -20.52 11.23 -15.02
C ASN D 163 -20.48 10.80 -16.47
N GLY D 164 -19.88 9.66 -16.77
CA GLY D 164 -19.86 9.17 -18.13
C GLY D 164 -18.72 8.20 -18.37
N ASP D 165 -18.81 7.53 -19.51
CA ASP D 165 -17.82 6.55 -19.91
C ASP D 165 -16.59 7.25 -20.49
N VAL D 166 -15.59 6.44 -20.83
CA VAL D 166 -14.33 6.94 -21.38
C VAL D 166 -14.58 7.84 -22.59
N LEU D 167 -15.43 7.40 -23.52
CA LEU D 167 -15.65 8.18 -24.75
C LEU D 167 -16.32 9.52 -24.45
N PHE D 168 -17.26 9.54 -23.50
CA PHE D 168 -17.94 10.79 -23.14
C PHE D 168 -16.97 11.86 -22.66
N HIS D 169 -16.16 11.54 -21.64
CA HIS D 169 -15.27 12.53 -21.04
C HIS D 169 -14.23 13.04 -22.02
N ALA D 170 -13.73 12.16 -22.88
CA ALA D 170 -12.66 12.53 -23.81
C ALA D 170 -13.14 13.56 -24.83
N ARG D 171 -14.28 13.31 -25.47
CA ARG D 171 -14.75 14.29 -26.44
C ARG D 171 -15.04 15.61 -25.74
N ALA D 172 -15.52 15.54 -24.50
CA ALA D 172 -15.66 16.76 -23.72
C ALA D 172 -14.31 17.43 -23.58
N LYS D 173 -13.26 16.64 -23.39
CA LYS D 173 -11.94 17.23 -23.25
C LYS D 173 -11.44 17.75 -24.60
N LEU D 174 -11.74 17.05 -25.71
CA LEU D 174 -11.32 17.53 -27.03
C LEU D 174 -11.98 18.86 -27.38
N GLU D 175 -13.31 18.95 -27.21
CA GLU D 175 -13.99 20.20 -27.53
C GLU D 175 -13.51 21.32 -26.64
N ARG D 176 -13.18 20.98 -25.39
CA ARG D 176 -12.72 21.96 -24.42
C ARG D 176 -11.28 22.42 -24.70
N LYS D 177 -10.41 21.52 -25.14
CA LYS D 177 -9.01 21.88 -25.34
C LYS D 177 -8.85 22.63 -26.65
N GLY D 178 -9.63 22.24 -27.66
CA GLY D 178 -9.55 22.89 -28.96
C GLY D 178 -8.38 22.44 -29.80
N CYS D 179 -7.78 21.29 -29.50
CA CYS D 179 -6.70 20.80 -30.33
C CYS D 179 -7.27 20.06 -31.54
N ASP D 180 -6.38 19.73 -32.48
CA ASP D 180 -6.83 19.07 -33.69
C ASP D 180 -7.06 17.59 -33.44
N LEU D 181 -6.23 16.98 -32.59
CA LEU D 181 -6.42 15.58 -32.29
C LEU D 181 -6.17 15.32 -30.82
N LEU D 182 -6.92 14.35 -30.31
CA LEU D 182 -6.77 13.85 -28.96
C LEU D 182 -6.52 12.36 -29.00
N VAL D 183 -5.40 11.95 -28.43
CA VAL D 183 -5.06 10.54 -28.26
C VAL D 183 -5.42 10.18 -26.84
N VAL D 184 -6.35 9.24 -26.71
CA VAL D 184 -6.98 8.92 -25.44
C VAL D 184 -6.45 7.58 -24.96
N ASN D 185 -6.00 7.54 -23.71
CA ASN D 185 -5.54 6.34 -23.02
C ASN D 185 -4.31 5.73 -23.69
N ALA D 186 -3.26 6.55 -23.72
CA ALA D 186 -1.96 6.17 -24.25
C ALA D 186 -0.82 6.78 -23.40
N ARG D 191 2.41 -4.09 -20.56
CA ARG D 191 3.27 -5.20 -20.13
C ARG D 191 2.48 -6.32 -19.44
N ALA D 192 3.20 -7.17 -18.71
CA ALA D 192 2.56 -8.27 -18.00
C ALA D 192 1.64 -7.72 -16.90
N PHE D 193 0.46 -8.33 -16.80
CA PHE D 193 -0.56 -8.01 -15.80
C PHE D 193 -1.09 -6.59 -15.94
N GLU D 194 -0.86 -5.93 -17.07
CA GLU D 194 -1.53 -4.67 -17.38
C GLU D 194 -2.87 -4.99 -18.03
N VAL D 195 -3.97 -4.55 -17.39
CA VAL D 195 -5.32 -4.82 -17.91
C VAL D 195 -5.63 -3.89 -19.08
N ASP D 196 -6.05 -4.46 -20.22
CA ASP D 196 -6.46 -3.69 -21.41
C ASP D 196 -7.91 -3.27 -21.21
N HIS D 197 -8.13 -2.04 -20.77
CA HIS D 197 -9.48 -1.50 -20.65
C HIS D 197 -10.14 -1.30 -22.02
N ASN D 198 -9.40 -1.51 -23.11
CA ASN D 198 -9.87 -1.39 -24.49
C ASN D 198 -10.28 0.04 -24.84
N ASP D 199 -9.84 1.02 -24.05
CA ASP D 199 -10.37 2.37 -24.12
C ASP D 199 -9.45 3.37 -24.78
N GLY D 200 -8.45 2.86 -25.56
CA GLY D 200 -7.55 3.75 -26.28
C GLY D 200 -8.21 4.19 -27.57
N TRP D 201 -8.22 5.50 -27.79
CA TRP D 201 -8.91 6.07 -28.95
C TRP D 201 -8.14 7.28 -29.44
N LEU D 202 -8.26 7.56 -30.73
CA LEU D 202 -7.71 8.77 -31.35
C LEU D 202 -8.87 9.63 -31.83
N LEU D 203 -9.07 10.77 -31.20
CA LEU D 203 -10.21 11.63 -31.53
C LEU D 203 -9.77 12.83 -32.36
N SER D 204 -10.46 13.04 -33.48
CA SER D 204 -10.20 14.15 -34.38
C SER D 204 -11.22 15.26 -34.19
N ALA D 205 -10.80 16.49 -34.54
CA ALA D 205 -11.67 17.65 -34.48
C ALA D 205 -12.77 17.64 -35.52
N ASP D 206 -12.71 16.77 -36.52
CA ASP D 206 -13.82 16.63 -37.46
C ASP D 206 -14.88 15.63 -37.02
N GLY D 207 -14.84 15.12 -35.81
CA GLY D 207 -15.89 14.23 -35.35
C GLY D 207 -15.49 12.79 -35.50
N THR D 208 -14.42 12.55 -36.24
CA THR D 208 -13.89 11.21 -36.42
C THR D 208 -13.15 10.59 -35.23
N GLU D 209 -13.64 9.46 -34.75
CA GLU D 209 -13.04 8.78 -33.63
C GLU D 209 -12.54 7.44 -34.05
N SER D 210 -11.25 7.20 -33.94
CA SER D 210 -10.69 5.89 -34.22
C SER D 210 -10.47 5.26 -32.89
N ALA D 211 -9.80 4.15 -32.90
CA ALA D 211 -9.56 3.48 -31.69
C ALA D 211 -8.18 2.94 -31.73
N LEU D 212 -7.44 3.25 -30.71
CA LEU D 212 -6.09 2.84 -30.63
C LEU D 212 -6.03 1.55 -29.92
N GLU D 213 -5.51 0.57 -30.58
CA GLU D 213 -5.33 -0.68 -29.93
C GLU D 213 -4.13 -0.63 -29.05
N HIS D 214 -4.25 -1.22 -27.87
CA HIS D 214 -3.15 -1.18 -26.98
C HIS D 214 -2.15 -2.22 -27.38
N GLY D 215 -0.93 -1.79 -27.46
CA GLY D 215 0.17 -2.66 -27.79
C GLY D 215 1.41 -1.97 -27.29
N SER D 216 2.54 -2.26 -27.88
CA SER D 216 3.75 -1.60 -27.46
C SER D 216 3.73 -0.07 -27.71
N LYS D 217 4.50 0.62 -26.93
CA LYS D 217 4.53 2.06 -27.18
C LYS D 217 4.97 2.38 -28.60
N THR D 218 5.83 1.54 -29.17
CA THR D 218 6.30 1.78 -30.53
C THR D 218 5.16 1.68 -31.54
N LEU D 219 4.31 0.68 -31.38
CA LEU D 219 3.18 0.53 -32.29
C LEU D 219 2.16 1.66 -32.11
N MET D 220 1.92 2.09 -30.88
CA MET D 220 1.00 3.21 -30.69
C MET D 220 1.60 4.51 -31.22
N ALA D 221 2.91 4.73 -31.04
CA ALA D 221 3.54 5.92 -31.60
C ALA D 221 3.43 5.95 -33.12
N THR D 222 3.41 4.78 -33.75
CA THR D 222 3.24 4.72 -35.20
C THR D 222 1.82 5.07 -35.61
N ARG D 223 0.82 4.53 -34.89
CA ARG D 223 -0.59 4.82 -35.18
C ARG D 223 -0.89 6.28 -34.92
N ILE D 224 -0.16 6.89 -33.99
CA ILE D 224 -0.29 8.30 -33.70
C ILE D 224 0.29 9.14 -34.83
N VAL D 225 1.53 8.87 -35.21
CA VAL D 225 2.17 9.62 -36.27
C VAL D 225 1.42 9.40 -37.57
N ASP D 226 0.84 8.22 -37.76
CA ASP D 226 0.01 7.96 -38.93
C ASP D 226 -1.13 8.97 -39.00
N SER D 227 -1.80 9.20 -37.88
CA SER D 227 -2.91 10.14 -37.85
C SER D 227 -2.43 11.55 -38.09
N ILE D 228 -1.22 11.88 -37.63
CA ILE D 228 -0.68 13.22 -37.84
C ILE D 228 -0.47 13.46 -39.32
N ALA D 229 0.16 12.51 -39.98
CA ALA D 229 0.38 12.63 -41.42
C ALA D 229 -0.93 12.84 -42.17
N ALA D 230 -1.98 12.11 -41.80
CA ALA D 230 -3.26 12.23 -42.49
C ALA D 230 -3.83 13.64 -42.38
N PHE D 231 -3.92 14.08 -41.17
CA PHE D 231 -4.46 15.36 -40.91
C PHE D 231 -3.71 16.43 -41.65
N LEU D 232 -2.42 16.30 -41.82
CA LEU D 232 -1.60 17.30 -42.47
C LEU D 232 -1.77 17.32 -43.96
N LYS D 233 -2.25 16.25 -44.54
CA LYS D 233 -2.46 16.25 -45.96
C LYS D 233 -3.92 16.19 -46.21
N SER D 234 -4.70 16.78 -45.35
CA SER D 234 -6.10 16.81 -45.55
C SER D 234 -6.39 18.16 -46.16
N1 CTP E . -9.13 -13.68 -8.94
C2 CTP E . -8.15 -12.75 -9.21
N3 CTP E . -8.39 -11.45 -9.15
C4 CTP E . -9.61 -11.04 -8.85
C5 CTP E . -10.61 -11.95 -8.59
C6 CTP E . -10.36 -13.30 -8.65
O2 CTP E . -7.04 -13.19 -9.47
N4 CTP E . -9.86 -9.72 -8.78
C1' CTP E . -8.72 -15.07 -9.04
C2' CTP E . -8.79 -15.79 -7.71
O2' CTP E . -7.50 -15.96 -7.13
C3' CTP E . -9.35 -17.13 -8.07
C4' CTP E . -9.96 -16.99 -9.43
O4' CTP E . -9.60 -15.73 -9.93
O3' CTP E . -8.31 -18.04 -8.28
C5' CTP E . -11.46 -17.09 -9.39
O5' CTP E . -11.97 -16.26 -8.37
PA CTP E . -13.51 -15.98 -8.43
O1A CTP E . -14.05 -17.32 -8.23
O2A CTP E . -13.86 -14.89 -7.52
O3A CTP E . -13.71 -15.44 -9.90
PB CTP E . -14.71 -14.22 -10.14
O1B CTP E . -14.77 -14.01 -11.61
O2B CTP E . -14.38 -13.04 -9.32
O3B CTP E . -16.02 -14.90 -9.57
PG CTP E . -17.51 -14.33 -9.57
O1G CTP E . -18.21 -15.61 -9.32
O2G CTP E . -17.58 -13.41 -8.44
O3G CTP E . -17.70 -13.74 -10.92
CA CA F . -15.56 -13.49 -6.76
C10 W52 G . -11.06 -21.00 -2.08
C13 W52 G . -9.99 -20.52 -0.21
C17 W52 G . -12.78 -18.26 -2.44
C20 W52 G . -11.65 -17.41 -4.79
C21 W52 G . -10.97 -18.32 -4.02
C24 W52 G . -9.22 -20.55 1.11
C01 W52 G . -10.67 -27.35 -2.86
C02 W52 G . -10.84 -27.96 -1.64
C03 W52 G . -11.05 -27.19 -0.51
C04 W52 G . -11.06 -25.82 -0.60
C05 W52 G . -10.87 -25.23 -1.82
C06 W52 G . -10.68 -25.98 -2.95
C07 W52 G . -10.92 -23.73 -1.92
C08 W52 G . -11.56 -23.16 -3.00
C09 W52 G . -11.63 -21.78 -3.08
C11 W52 G . -10.43 -21.57 -1.00
C12 W52 G . -10.37 -22.97 -0.92
C14 W52 G . -10.37 -19.36 -0.85
C16 W52 G . -11.56 -18.74 -2.85
C18 W52 G . -13.44 -17.34 -3.21
C19 W52 G . -12.88 -16.93 -4.38
C25 W52 G . -8.32 -21.70 1.49
N15 W52 G . -10.98 -19.69 -1.95
O23 W52 G . -13.58 -16.01 -5.12
O26 W52 G . -7.15 -21.71 1.08
O27 W52 G . -8.76 -22.61 2.20
O28 W52 G . -9.29 -19.66 1.85
C10 W52 H . -17.57 -7.51 -3.17
C13 W52 H . -17.60 -8.60 -5.14
C17 W52 H . -20.17 -6.14 -2.07
C20 W52 H . -20.95 -4.03 -3.64
C21 W52 H . -20.03 -4.96 -4.14
C24 W52 H . -17.27 -9.55 -6.30
C01 W52 H . -12.55 -11.15 -1.15
C02 W52 H . -11.88 -10.44 -0.17
C03 W52 H . -12.30 -9.16 0.21
C04 W52 H . -13.41 -8.62 -0.42
C05 W52 H . -14.05 -9.31 -1.43
C06 W52 H . -13.65 -10.60 -1.78
C07 W52 H . -15.27 -8.70 -2.09
C08 W52 H . -15.97 -7.75 -1.35
C09 W52 H . -17.11 -7.16 -1.89
C11 W52 H . -16.89 -8.47 -3.91
C12 W52 H . -15.72 -9.07 -3.37
C14 W52 H . -18.67 -7.70 -5.04
C16 W52 H . -19.61 -6.04 -3.37
C18 W52 H . -21.08 -5.22 -1.56
C19 W52 H . -21.49 -4.14 -2.35
C25 W52 H . -17.96 -9.54 -7.66
N15 W52 H . -18.64 -7.06 -3.86
O23 W52 H . -22.43 -3.20 -1.86
O26 W52 H . -18.85 -8.69 -7.94
O27 W52 H . -17.63 -10.40 -8.53
O28 W52 H . -16.46 -10.40 -6.13
N1 CTP I . -18.45 1.19 21.53
C2 CTP I . -19.60 0.47 21.69
N3 CTP I . -20.50 0.33 20.67
C4 CTP I . -20.22 0.90 19.44
C5 CTP I . -19.02 1.60 19.25
C6 CTP I . -18.15 1.75 20.32
O2 CTP I . -19.84 -0.09 22.76
N4 CTP I . -21.11 0.77 18.45
C1' CTP I . -17.50 1.24 22.65
C2' CTP I . -16.19 0.57 22.29
O2' CTP I . -16.09 -0.72 22.84
C3' CTP I . -15.21 1.48 22.97
C4' CTP I . -15.87 2.85 22.95
O4' CTP I . -17.24 2.58 23.00
O3' CTP I . -15.14 1.03 24.30
C5' CTP I . -15.68 3.65 21.67
O5' CTP I . -14.46 3.49 21.00
PA CTP I . -14.20 4.51 19.78
O1A CTP I . -13.21 3.89 18.83
O2A CTP I . -13.72 5.88 20.21
O3A CTP I . -15.67 4.52 19.11
PB CTP I . -16.59 5.84 18.99
O1B CTP I . -17.70 5.64 17.99
O2B CTP I . -17.15 6.10 20.36
O3B CTP I . -15.59 7.04 18.56
PG CTP I . -15.05 7.35 17.07
O1G CTP I . -16.01 6.90 16.00
O2G CTP I . -13.75 6.60 16.87
O3G CTP I . -14.82 8.83 16.94
CA CA J . -15.53 3.39 16.86
N1 CTP K . 14.26 9.22 8.95
C2 CTP K . 13.49 8.15 9.34
N3 CTP K . 12.13 8.30 9.39
C4 CTP K . 11.55 9.51 9.11
C5 CTP K . 12.36 10.60 8.83
C6 CTP K . 13.73 10.47 8.95
O2 CTP K . 14.02 7.10 9.63
N4 CTP K . 10.21 9.60 9.11
C1' CTP K . 15.69 9.03 9.11
C2' CTP K . 16.42 9.26 7.81
O2' CTP K . 16.52 8.07 7.06
C3' CTP K . 17.75 9.77 8.32
C4' CTP K . 17.45 10.40 9.66
O4' CTP K . 16.16 9.98 10.02
O3' CTP K . 18.67 8.74 8.56
C5' CTP K . 17.42 11.93 9.64
O5' CTP K . 16.52 12.40 8.68
PA CTP K . 16.17 13.98 8.64
O1A CTP K . 15.06 14.19 7.64
O2A CTP K . 17.42 14.70 8.21
O3A CTP K . 15.67 14.35 10.12
PB CTP K . 14.14 14.68 10.53
O1B CTP K . 13.77 13.99 11.82
O2B CTP K . 13.15 14.33 9.46
O3B CTP K . 14.10 16.25 10.84
PG CTP K . 13.80 17.41 9.75
O1G CTP K . 15.12 17.89 9.18
O2G CTP K . 13.07 18.51 10.47
O3G CTP K . 12.92 16.93 8.62
CA CA L . 12.91 15.14 7.37
C10 W52 M . 21.29 12.03 2.39
C13 W52 M . 20.93 10.89 0.46
C17 W52 M . 18.38 13.42 3.02
C20 W52 M . 17.71 11.77 5.14
C21 W52 M . 18.69 11.38 4.25
C24 W52 M . 21.06 10.13 -0.87
C01 W52 M . 27.68 12.39 3.20
C02 W52 M . 28.30 12.51 1.97
C03 W52 M . 27.54 12.56 0.81
C04 W52 M . 26.16 12.48 0.90
C05 W52 M . 25.55 12.36 2.14
C06 W52 M . 26.30 12.32 3.30
C07 W52 M . 24.02 12.26 2.24
C08 W52 M . 23.36 12.80 3.33
C09 W52 M . 21.98 12.68 3.40
C11 W52 M . 21.94 11.49 1.29
C12 W52 M . 23.33 11.61 1.23
C14 W52 M . 19.74 11.13 1.13
C16 W52 M . 18.99 12.21 3.19
C18 W52 M . 17.41 13.81 3.92
C19 W52 M . 17.09 12.99 4.96
C25 W52 M . 22.38 9.45 -1.24
N15 W52 M . 19.99 11.80 2.25
O23 W52 M . 16.11 13.40 5.85
O26 W52 M . 23.33 10.13 -1.72
O27 W52 M . 22.51 8.20 -1.07
O28 W52 M . 20.14 10.05 -1.63
C ACT N . 9.67 13.27 0.78
O ACT N . 8.87 14.12 1.22
OXT ACT N . 10.89 13.11 1.05
CH3 ACT N . 9.02 12.29 -0.19
N1 CTP O . -1.90 19.66 -20.27
C2 CTP O . -1.36 20.92 -20.33
N3 CTP O . -1.35 21.71 -19.21
C4 CTP O . -1.95 21.25 -18.06
C5 CTP O . -2.57 20.01 -18.02
C6 CTP O . -2.66 19.28 -19.20
O2 CTP O . -0.90 21.31 -21.40
N4 CTP O . -1.91 22.02 -16.96
C1' CTP O . -1.99 18.94 -21.54
C2' CTP O . -1.44 17.55 -21.35
O2' CTP O . -0.13 17.43 -21.86
C3' CTP O . -2.41 16.73 -22.13
C4' CTP O . -3.72 17.52 -22.14
O4' CTP O . -3.37 18.85 -21.82
O3' CTP O . -1.93 16.66 -23.45
C5' CTP O . -4.82 17.11 -21.16
O5' CTP O . -4.39 16.32 -20.08
PA CTP O . -5.47 15.93 -18.93
O1A CTP O . -6.16 14.62 -19.26
O2A CTP O . -4.81 15.80 -17.59
O3A CTP O . -6.50 17.15 -19.13
PB CTP O . -6.94 18.13 -17.94
O1B CTP O . -5.78 18.23 -16.98
O2B CTP O . -7.27 19.47 -18.53
O3B CTP O . -8.21 17.39 -17.25
PG CTP O . -8.25 16.64 -15.80
O1G CTP O . -9.48 15.76 -15.83
O2G CTP O . -8.39 17.61 -14.65
O3G CTP O . -7.01 15.80 -15.58
CA CA P . -4.33 16.64 -15.68
#